data_6ZJU
#
_entry.id   6ZJU
#
_cell.length_a   138.241
_cell.length_b   138.241
_cell.length_c   127.568
_cell.angle_alpha   90.000
_cell.angle_beta   90.000
_cell.angle_gamma   120.000
#
_symmetry.space_group_name_H-M   'P 31 2 1'
#
loop_
_entity.id
_entity.type
_entity.pdbx_description
1 polymer Beta-galactosidase
2 branched beta-D-fructofuranose-(2-1)-alpha-D-glucopyranose
3 non-polymer 'ACETATE ION'
4 non-polymer 'SODIUM ION'
5 non-polymer 'MALONATE ION'
6 water water
#
_entity_poly.entity_id   1
_entity_poly.type   'polypeptide(L)'
_entity_poly.pdbx_seq_one_letter_code
;MSVETPSALADSSPHTAPGSAGRSLELGAADIQDLESFEAGRGALPARAYLQSDAPRLSLNGEWQFRLSPGSRVAPDDGW
QLGEALNGFESLPVPSSWPMHGHGAPAYTNVQFPFAVEPPHVPEANPIGDHLVVFEAGPEFFPHALLRFDGIESAGTVWL
NGVELGTTRGSRLAHEFDVSGILEQGENTLAVRVAQFSAASYVEDQDMWWLPGIFRDVTLQARPAAGIDDVFVHAGYDHI
TGEGILKVEASRGGQAIDAVVRVPELALELAAGTEVRVPAVEPWSAEVPKLYEAAVSAAGESVALQIGFRSIAIEDAQFK
VNGRRILLRGVNRHEHHPRLGRVVPRDVVEAELRLMKQHNINAIRTSHYPPHPQFLALADQLGFYVVLECDLETHGFESA
GWAQNPSDDPQWEDALVDRMRRTVERDKNHASVVMWSLGNQAGTGRNLAAMSRWTKDRDPSRPIHYEGDWSSEHVDVYSR
MYASQAETALIGQGIEPALNDAALDARRRAMPFVLCEYVHAMGNGPGGMSEYQALFEKYPRLMGGFVWEWLEHGITVSTA
DGVDHYGYGGDFGEEVHDGNFVTDGLVDADRRPRPGLLDFKKVIEPLRIDVARDWTGFTLRNGQDFADTSAFSFRYEVEA
DGGALDGGTVDVAPVAPQSETVVELPGSVAALAAGLSDGRPAVLTVRAVLGADSAWADAGHEVAWGQSVREPGAPVPPAP
VEPVQVQDSELTLGPVVFSRATGMPTSIGGVPVEKLGLTLWWAPTDNDLGREWGGADERPLATQWKDAGLNRLHTRLLGI
SANPGQDGGETLTVRTRVSAADKQYGVLVDYTWSTDGETVGLRTQVRRDGTWVNRGFEVEWARIGLEFVLGEETELVSWF
GQGPHQSYPDTGQGARAGWFSLPLAKMDVEYVRPQECGARSGSRSAALQLGGRTLEICGDPFALTVRPYSQDVLDAAAHR
PDLKADGRTYLYVDHALRGVGTAACGPGVLEQYRLKPRDADFILTLKVRS
;
_entity_poly.pdbx_strand_id   A
#
loop_
_chem_comp.id
_chem_comp.type
_chem_comp.name
_chem_comp.formula
ACT non-polymer 'ACETATE ION' 'C2 H3 O2 -1'
FRU D-saccharide, beta linking beta-D-fructofuranose 'C6 H12 O6'
GLC D-saccharide, alpha linking alpha-D-glucopyranose 'C6 H12 O6'
MLI non-polymer 'MALONATE ION' 'C3 H2 O4 -2'
NA non-polymer 'SODIUM ION' 'Na 1'
#
# COMPACT_ATOMS: atom_id res chain seq x y z
N SER A 24 18.17 -14.96 -47.76
CA SER A 24 17.65 -14.36 -46.53
C SER A 24 17.34 -12.90 -46.73
N LEU A 25 16.04 -12.58 -46.83
CA LEU A 25 15.61 -11.29 -47.35
C LEU A 25 14.89 -10.43 -46.33
N GLU A 26 14.59 -10.92 -45.15
CA GLU A 26 13.85 -10.11 -44.21
C GLU A 26 14.74 -8.98 -43.68
N LEU A 27 14.11 -7.85 -43.36
CA LEU A 27 14.80 -6.69 -42.81
C LEU A 27 14.98 -6.82 -41.31
N GLY A 28 16.05 -6.20 -40.81
CA GLY A 28 16.24 -5.96 -39.39
C GLY A 28 16.71 -7.15 -38.58
N ALA A 29 17.29 -8.17 -39.21
CA ALA A 29 17.58 -9.41 -38.48
C ALA A 29 18.68 -9.22 -37.44
N ALA A 30 19.62 -8.32 -37.70
CA ALA A 30 20.73 -8.12 -36.78
C ALA A 30 20.27 -7.44 -35.51
N ASP A 31 19.51 -6.34 -35.64
CA ASP A 31 18.88 -5.71 -34.48
C ASP A 31 18.09 -6.74 -33.68
N ILE A 32 17.30 -7.56 -34.35
CA ILE A 32 16.44 -8.47 -33.61
C ILE A 32 17.28 -9.55 -32.93
N GLN A 33 18.32 -10.00 -33.62
CA GLN A 33 19.20 -10.98 -33.00
C GLN A 33 19.81 -10.45 -31.72
N ASP A 34 20.17 -9.17 -31.69
CA ASP A 34 20.70 -8.58 -30.47
C ASP A 34 19.63 -8.54 -29.39
N LEU A 35 18.41 -8.14 -29.75
CA LEU A 35 17.33 -8.05 -28.76
C LEU A 35 17.01 -9.42 -28.17
N GLU A 36 17.25 -10.48 -28.92
CA GLU A 36 16.97 -11.84 -28.48
C GLU A 36 18.15 -12.47 -27.76
N SER A 37 19.22 -11.69 -27.54
CA SER A 37 20.42 -12.21 -26.88
C SER A 37 20.16 -12.56 -25.42
N PHE A 38 20.75 -13.62 -24.93
CA PHE A 38 20.68 -14.04 -23.51
C PHE A 38 21.76 -13.35 -22.69
N GLU A 39 22.69 -12.67 -23.34
CA GLU A 39 23.80 -12.11 -22.61
C GLU A 39 23.39 -10.83 -21.89
N ALA A 40 24.15 -10.49 -20.86
CA ALA A 40 23.93 -9.21 -20.23
C ALA A 40 24.39 -8.12 -21.22
N GLY A 41 24.33 -6.86 -20.85
CA GLY A 41 24.79 -5.90 -21.85
C GLY A 41 26.22 -6.16 -22.30
N ARG A 42 26.67 -5.52 -23.36
CA ARG A 42 28.09 -5.57 -23.71
C ARG A 42 28.73 -4.19 -23.55
N GLY A 43 30.05 -4.20 -23.28
CA GLY A 43 30.88 -3.01 -23.35
C GLY A 43 30.92 -2.16 -22.11
N ALA A 44 30.26 -2.58 -21.04
CA ALA A 44 30.15 -1.75 -19.86
C ALA A 44 31.32 -1.96 -18.90
N LEU A 45 31.61 -0.92 -18.12
CA LEU A 45 32.58 -1.02 -17.06
C LEU A 45 32.07 -1.94 -15.94
N PRO A 46 32.96 -2.38 -15.07
CA PRO A 46 32.55 -3.23 -13.95
C PRO A 46 31.52 -2.54 -13.07
N ALA A 47 30.54 -3.34 -12.66
CA ALA A 47 29.55 -2.92 -11.71
C ALA A 47 30.23 -2.47 -10.42
N ARG A 48 29.69 -1.40 -9.82
CA ARG A 48 30.30 -0.78 -8.64
C ARG A 48 29.22 -0.06 -7.86
N ALA A 49 29.61 0.53 -6.73
CA ALA A 49 28.67 1.30 -5.94
C ALA A 49 28.35 2.63 -6.61
N TYR A 50 27.15 3.12 -6.33
CA TYR A 50 26.82 4.53 -6.54
C TYR A 50 27.48 5.35 -5.43
N LEU A 51 28.43 6.20 -5.79
CA LEU A 51 29.24 6.96 -4.85
C LEU A 51 29.16 8.46 -5.13
N GLN A 52 29.01 9.22 -4.05
CA GLN A 52 29.19 10.67 -4.07
C GLN A 52 30.69 10.98 -4.12
N SER A 53 31.14 11.57 -5.21
CA SER A 53 32.54 11.89 -5.41
C SER A 53 32.72 13.38 -5.67
N ASP A 54 33.95 13.88 -5.43
CA ASP A 54 34.32 15.22 -5.84
C ASP A 54 34.81 15.27 -7.28
N ALA A 55 34.74 14.16 -8.00
CA ALA A 55 35.13 14.18 -9.40
C ALA A 55 34.12 15.01 -10.20
N PRO A 56 34.57 15.77 -11.20
CA PRO A 56 33.64 16.53 -12.04
C PRO A 56 32.55 15.66 -12.64
N ARG A 57 31.36 16.22 -12.74
CA ARG A 57 30.27 15.48 -13.35
C ARG A 57 29.33 16.47 -14.02
N LEU A 58 28.66 15.98 -15.06
CA LEU A 58 27.74 16.80 -15.83
C LEU A 58 26.49 15.95 -16.10
N SER A 59 25.35 16.38 -15.56
CA SER A 59 24.09 15.70 -15.87
C SER A 59 23.69 16.05 -17.29
N LEU A 60 23.36 15.04 -18.09
CA LEU A 60 22.82 15.25 -19.43
C LEU A 60 21.28 15.23 -19.43
N ASN A 61 20.66 15.13 -18.27
CA ASN A 61 19.21 15.23 -18.19
C ASN A 61 18.76 16.53 -18.82
N GLY A 62 17.57 16.53 -19.40
CA GLY A 62 17.08 17.74 -20.05
C GLY A 62 16.31 17.37 -21.30
N GLU A 63 16.21 18.31 -22.24
CA GLU A 63 15.43 18.07 -23.44
C GLU A 63 16.28 17.34 -24.47
N TRP A 64 15.89 16.11 -24.79
CA TRP A 64 16.51 15.36 -25.87
C TRP A 64 15.61 15.39 -27.10
N GLN A 65 16.11 14.79 -28.18
CA GLN A 65 15.34 14.58 -29.40
C GLN A 65 14.98 13.10 -29.48
N PHE A 66 13.79 12.81 -29.96
CA PHE A 66 13.19 11.48 -29.84
C PHE A 66 12.41 11.13 -31.10
N ARG A 67 12.59 9.89 -31.56
CA ARG A 67 11.86 9.34 -32.69
C ARG A 67 11.42 7.92 -32.35
N LEU A 68 10.18 7.61 -32.66
CA LEU A 68 9.60 6.31 -32.31
C LEU A 68 9.30 5.54 -33.59
N SER A 69 9.74 4.28 -33.63
CA SER A 69 9.40 3.36 -34.71
C SER A 69 8.63 2.17 -34.12
N PRO A 70 7.75 1.52 -34.91
CA PRO A 70 6.90 0.46 -34.34
C PRO A 70 7.60 -0.87 -34.17
N GLY A 71 8.78 -1.06 -34.77
CA GLY A 71 9.53 -2.30 -34.60
C GLY A 71 10.92 -2.16 -35.17
N SER A 72 11.78 -3.14 -34.86
CA SER A 72 13.17 -3.09 -35.31
C SER A 72 13.26 -3.06 -36.83
N ARG A 73 12.41 -3.82 -37.52
CA ARG A 73 12.59 -3.97 -38.96
C ARG A 73 12.31 -2.70 -39.74
N VAL A 74 11.66 -1.72 -39.13
CA VAL A 74 11.34 -0.46 -39.76
C VAL A 74 12.00 0.72 -39.06
N ALA A 75 12.73 0.48 -37.98
CA ALA A 75 13.50 1.54 -37.34
C ALA A 75 14.62 1.97 -38.29
N PRO A 76 14.72 3.25 -38.64
CA PRO A 76 15.64 3.64 -39.70
C PRO A 76 17.11 3.42 -39.35
N ASP A 77 17.86 3.07 -40.39
CA ASP A 77 19.32 3.00 -40.35
C ASP A 77 19.91 4.19 -41.11
N ASP A 78 19.47 5.40 -40.75
CA ASP A 78 19.67 6.58 -41.58
C ASP A 78 20.76 7.53 -41.04
N GLY A 79 21.72 6.99 -40.28
CA GLY A 79 22.81 7.80 -39.76
C GLY A 79 22.41 8.79 -38.69
N TRP A 80 21.25 8.61 -38.08
CA TRP A 80 20.76 9.57 -37.10
C TRP A 80 21.69 9.72 -35.91
N GLN A 81 22.53 8.72 -35.62
CA GLN A 81 23.41 8.82 -34.45
C GLN A 81 24.40 9.96 -34.57
N LEU A 82 24.70 10.40 -35.80
CA LEU A 82 25.56 11.55 -36.00
C LEU A 82 24.87 12.88 -35.73
N GLY A 83 23.54 12.88 -35.63
CA GLY A 83 22.80 14.04 -35.18
C GLY A 83 22.59 15.12 -36.22
N GLU A 84 22.89 14.79 -37.48
CA GLU A 84 22.76 15.82 -38.54
C GLU A 84 21.60 15.44 -39.46
N ALA A 85 20.81 16.43 -39.86
CA ALA A 85 19.68 16.16 -40.79
C ALA A 85 18.76 15.09 -40.20
N LEU A 86 18.23 15.34 -39.00
CA LEU A 86 17.34 14.37 -38.34
C LEU A 86 15.92 14.51 -38.88
N ASN A 87 15.38 13.46 -39.47
CA ASN A 87 13.99 13.56 -39.95
C ASN A 87 13.14 12.75 -39.00
N GLY A 88 12.05 13.33 -38.50
CA GLY A 88 11.13 12.61 -37.64
C GLY A 88 11.44 12.69 -36.15
N PHE A 89 12.31 13.60 -35.72
CA PHE A 89 12.60 13.70 -34.29
C PHE A 89 11.86 14.87 -33.68
N GLU A 90 11.48 14.71 -32.42
CA GLU A 90 10.85 15.79 -31.68
C GLU A 90 11.42 15.77 -30.27
N SER A 91 11.21 16.87 -29.54
CA SER A 91 11.80 16.97 -28.23
C SER A 91 11.08 16.08 -27.21
N LEU A 92 11.85 15.58 -26.23
CA LEU A 92 11.32 14.72 -25.21
C LEU A 92 12.20 14.91 -23.99
N PRO A 93 11.62 15.12 -22.81
CA PRO A 93 12.44 15.16 -21.60
C PRO A 93 13.06 13.81 -21.33
N VAL A 94 14.31 13.83 -20.86
CA VAL A 94 14.99 12.64 -20.35
C VAL A 94 15.54 13.06 -18.99
N PRO A 95 15.30 12.29 -17.92
CA PRO A 95 14.64 10.99 -17.94
C PRO A 95 13.13 11.07 -18.18
N SER A 96 12.61 10.01 -18.79
CA SER A 96 11.18 9.89 -19.08
C SER A 96 10.82 8.43 -19.25
N SER A 97 9.52 8.16 -19.06
CA SER A 97 8.81 6.93 -19.46
C SER A 97 8.10 7.45 -20.71
N TRP A 98 8.48 7.04 -21.90
CA TRP A 98 8.03 7.86 -23.03
C TRP A 98 6.54 7.72 -23.31
N PRO A 99 5.85 6.63 -22.95
CA PRO A 99 4.39 6.62 -23.16
C PRO A 99 3.63 7.59 -22.26
N MET A 100 4.26 8.17 -21.25
CA MET A 100 3.63 9.22 -20.44
C MET A 100 3.62 10.57 -21.15
N HIS A 101 4.18 10.65 -22.36
CA HIS A 101 4.32 11.92 -23.05
C HIS A 101 3.75 11.84 -24.46
N GLY A 102 2.76 10.98 -24.66
CA GLY A 102 2.04 10.89 -25.91
C GLY A 102 2.61 9.92 -26.93
N HIS A 103 3.66 9.19 -26.59
CA HIS A 103 4.33 8.30 -27.54
C HIS A 103 3.91 6.87 -27.22
N GLY A 104 2.97 6.36 -28.01
CA GLY A 104 2.37 5.09 -27.65
C GLY A 104 1.49 5.27 -26.41
N ALA A 105 1.35 4.19 -25.65
CA ALA A 105 0.46 4.23 -24.51
C ALA A 105 0.99 3.33 -23.41
N PRO A 106 0.73 3.67 -22.15
CA PRO A 106 0.97 2.71 -21.06
C PRO A 106 0.13 1.46 -21.27
N ALA A 107 0.63 0.35 -20.76
CA ALA A 107 -0.10 -0.91 -20.83
C ALA A 107 0.11 -1.66 -19.53
N TYR A 108 -0.97 -2.14 -18.94
CA TYR A 108 -0.89 -2.80 -17.65
C TYR A 108 -1.26 -4.27 -17.75
N THR A 109 -0.32 -5.14 -17.39
CA THR A 109 -0.66 -6.52 -17.08
C THR A 109 -0.08 -6.87 -15.72
N ASN A 110 -0.74 -7.82 -15.08
CA ASN A 110 -0.31 -8.31 -13.78
C ASN A 110 0.68 -9.48 -13.96
N VAL A 111 0.16 -10.67 -14.22
CA VAL A 111 0.97 -11.86 -14.51
C VAL A 111 1.18 -12.05 -16.02
N GLN A 112 0.12 -11.87 -16.79
CA GLN A 112 0.12 -12.14 -18.23
C GLN A 112 1.28 -11.42 -18.90
N PHE A 113 2.02 -12.13 -19.72
CA PHE A 113 2.90 -11.43 -20.63
C PHE A 113 2.06 -10.80 -21.76
N PRO A 114 2.43 -9.62 -22.24
CA PRO A 114 1.70 -9.01 -23.35
C PRO A 114 2.18 -9.43 -24.74
N PHE A 115 3.02 -10.46 -24.81
CA PHE A 115 3.53 -10.99 -26.05
C PHE A 115 3.53 -12.51 -25.90
N ALA A 116 3.55 -13.18 -27.04
CA ALA A 116 3.64 -14.62 -27.06
C ALA A 116 4.85 -15.08 -26.25
N VAL A 117 4.65 -16.18 -25.52
CA VAL A 117 5.68 -16.75 -24.61
C VAL A 117 6.63 -17.66 -25.41
N GLU A 118 7.51 -17.04 -26.20
CA GLU A 118 8.51 -17.80 -27.00
C GLU A 118 9.89 -17.17 -26.73
N PRO A 119 10.43 -17.30 -25.50
CA PRO A 119 11.74 -16.72 -25.17
C PRO A 119 12.84 -17.47 -25.93
N PRO A 120 13.90 -16.80 -26.43
CA PRO A 120 14.16 -15.37 -26.20
C PRO A 120 13.52 -14.41 -27.20
N HIS A 121 12.60 -14.90 -28.04
CA HIS A 121 11.99 -14.15 -29.16
C HIS A 121 11.12 -12.99 -28.72
N VAL A 122 11.15 -11.95 -29.50
CA VAL A 122 10.38 -10.73 -29.27
C VAL A 122 9.31 -10.56 -30.35
N PRO A 123 8.20 -9.91 -30.03
CA PRO A 123 7.14 -9.69 -31.02
C PRO A 123 7.57 -8.68 -32.07
N GLU A 124 6.81 -8.66 -33.17
CA GLU A 124 7.06 -7.71 -34.25
C GLU A 124 6.67 -6.30 -33.85
N ALA A 125 5.58 -6.15 -33.12
CA ALA A 125 5.15 -4.86 -32.59
C ALA A 125 6.01 -4.58 -31.36
N ASN A 126 7.06 -3.79 -31.55
CA ASN A 126 8.05 -3.56 -30.50
C ASN A 126 8.55 -2.13 -30.61
N PRO A 127 7.97 -1.21 -29.84
CA PRO A 127 8.32 0.20 -29.96
C PRO A 127 9.82 0.46 -29.81
N ILE A 128 10.39 1.14 -30.80
CA ILE A 128 11.82 1.44 -30.84
C ILE A 128 11.96 2.95 -30.72
N GLY A 129 12.58 3.40 -29.61
CA GLY A 129 12.75 4.82 -29.36
C GLY A 129 14.18 5.30 -29.53
N ASP A 130 14.42 6.13 -30.55
CA ASP A 130 15.75 6.68 -30.80
C ASP A 130 15.90 8.00 -30.06
N HIS A 131 16.95 8.11 -29.24
CA HIS A 131 17.17 9.26 -28.38
C HIS A 131 18.50 9.91 -28.71
N LEU A 132 18.52 11.24 -28.79
CA LEU A 132 19.72 11.96 -29.15
C LEU A 132 19.82 13.26 -28.36
N VAL A 133 21.01 13.57 -27.84
CA VAL A 133 21.29 14.85 -27.21
C VAL A 133 22.70 15.31 -27.57
N VAL A 134 22.85 16.62 -27.73
CA VAL A 134 24.13 17.26 -28.02
C VAL A 134 24.54 18.02 -26.77
N PHE A 135 25.80 17.86 -26.36
CA PHE A 135 26.29 18.45 -25.14
C PHE A 135 27.75 18.84 -25.30
N GLU A 136 28.21 19.69 -24.39
CA GLU A 136 29.57 20.20 -24.38
C GLU A 136 30.35 19.59 -23.23
N ALA A 137 31.58 19.18 -23.52
CA ALA A 137 32.45 18.57 -22.51
C ALA A 137 33.69 19.45 -22.33
N GLY A 138 33.85 20.01 -21.13
CA GLY A 138 34.98 20.85 -20.83
C GLY A 138 36.24 20.03 -20.56
N PRO A 139 37.36 20.74 -20.34
CA PRO A 139 38.65 20.05 -20.21
C PRO A 139 38.74 19.17 -18.98
N GLU A 140 37.89 19.40 -17.97
CA GLU A 140 37.93 18.60 -16.77
C GLU A 140 37.46 17.15 -16.99
N PHE A 141 36.95 16.83 -18.19
CA PHE A 141 36.54 15.47 -18.51
C PHE A 141 37.56 14.72 -19.33
N PHE A 142 38.80 15.22 -19.36
CA PHE A 142 39.87 14.61 -20.13
C PHE A 142 41.11 14.47 -19.26
N PRO A 143 41.90 13.41 -19.48
CA PRO A 143 41.76 12.38 -20.53
C PRO A 143 40.61 11.37 -20.33
N HIS A 144 40.15 11.10 -19.11
CA HIS A 144 39.28 9.96 -18.85
C HIS A 144 37.94 10.42 -18.31
N ALA A 145 36.87 9.86 -18.89
CA ALA A 145 35.52 10.06 -18.40
C ALA A 145 34.71 8.82 -18.71
N LEU A 146 33.51 8.74 -18.10
CA LEU A 146 32.55 7.71 -18.43
C LEU A 146 31.18 8.34 -18.57
N LEU A 147 30.27 7.58 -19.18
CA LEU A 147 28.85 7.91 -19.23
C LEU A 147 28.08 6.89 -18.40
N ARG A 148 27.19 7.39 -17.55
CA ARG A 148 26.42 6.58 -16.62
C ARG A 148 24.93 6.66 -16.93
N PHE A 149 24.29 5.50 -17.00
CA PHE A 149 22.85 5.38 -17.23
C PHE A 149 22.24 4.64 -16.05
N ASP A 150 21.38 5.30 -15.29
CA ASP A 150 20.84 4.64 -14.11
C ASP A 150 19.57 3.87 -14.37
N GLY A 151 19.03 3.92 -15.58
CA GLY A 151 17.94 3.01 -15.94
C GLY A 151 17.43 3.19 -17.35
N ILE A 152 17.32 2.07 -18.10
CA ILE A 152 16.74 2.04 -19.44
C ILE A 152 15.87 0.80 -19.57
N GLU A 153 14.60 0.99 -19.89
CA GLU A 153 13.64 -0.11 -20.02
C GLU A 153 13.34 -0.31 -21.51
N SER A 154 13.67 -1.48 -22.09
CA SER A 154 14.39 -2.61 -21.47
C SER A 154 15.75 -2.87 -22.10
N ALA A 155 15.99 -2.40 -23.32
CA ALA A 155 17.24 -2.68 -24.03
C ALA A 155 17.75 -1.43 -24.73
N GLY A 156 18.94 -0.98 -24.36
CA GLY A 156 19.54 0.21 -24.94
C GLY A 156 20.79 -0.16 -25.71
N THR A 157 21.00 0.53 -26.83
CA THR A 157 22.27 0.56 -27.54
C THR A 157 22.74 2.01 -27.54
N VAL A 158 24.00 2.23 -27.14
CA VAL A 158 24.54 3.57 -26.91
C VAL A 158 25.68 3.84 -27.89
N TRP A 159 25.59 4.98 -28.58
CA TRP A 159 26.66 5.51 -29.41
C TRP A 159 27.08 6.88 -28.89
N LEU A 160 28.38 7.15 -28.97
CA LEU A 160 28.91 8.49 -28.72
C LEU A 160 29.69 8.91 -29.95
N ASN A 161 29.32 10.07 -30.50
CA ASN A 161 29.90 10.57 -31.75
C ASN A 161 29.97 9.48 -32.81
N GLY A 162 28.90 8.69 -32.90
CA GLY A 162 28.83 7.62 -33.88
C GLY A 162 29.54 6.35 -33.49
N VAL A 163 30.25 6.35 -32.39
CA VAL A 163 30.99 5.17 -31.95
C VAL A 163 30.12 4.40 -30.98
N GLU A 164 29.96 3.11 -31.21
CA GLU A 164 29.11 2.30 -30.34
C GLU A 164 29.86 2.03 -29.04
N LEU A 165 29.25 2.38 -27.91
CA LEU A 165 29.82 2.06 -26.61
C LEU A 165 29.40 0.67 -26.13
N GLY A 166 28.15 0.28 -26.32
CA GLY A 166 27.69 -1.01 -25.82
C GLY A 166 26.18 -0.99 -25.67
N THR A 167 25.70 -1.96 -24.90
CA THR A 167 24.27 -2.17 -24.69
C THR A 167 24.00 -2.36 -23.21
N THR A 168 22.73 -2.18 -22.85
CA THR A 168 22.29 -2.30 -21.46
C THR A 168 21.18 -3.34 -21.37
N ARG A 169 21.23 -4.15 -20.31
CA ARG A 169 20.19 -5.10 -19.95
C ARG A 169 20.07 -5.03 -18.45
N GLY A 170 18.83 -5.16 -17.96
CA GLY A 170 18.51 -4.93 -16.56
C GLY A 170 17.97 -3.53 -16.43
N SER A 171 16.63 -3.41 -16.54
CA SER A 171 16.05 -2.11 -16.81
C SER A 171 16.20 -1.15 -15.65
N ARG A 172 16.25 -1.66 -14.43
CA ARG A 172 16.32 -0.81 -13.23
C ARG A 172 17.75 -0.82 -12.66
N LEU A 173 18.74 -1.21 -13.45
CA LEU A 173 20.12 -1.35 -13.04
C LEU A 173 20.97 -0.31 -13.76
N ALA A 174 22.08 0.06 -13.13
CA ALA A 174 22.98 1.06 -13.69
C ALA A 174 23.99 0.41 -14.62
N HIS A 175 24.34 1.15 -15.69
CA HIS A 175 25.44 0.83 -16.59
C HIS A 175 26.32 2.04 -16.79
N GLU A 176 27.63 1.81 -16.89
CA GLU A 176 28.59 2.86 -17.19
C GLU A 176 29.47 2.43 -18.34
N PHE A 177 29.82 3.39 -19.23
CA PHE A 177 30.65 3.14 -20.40
C PHE A 177 31.79 4.14 -20.42
N ASP A 178 33.01 3.61 -20.58
CA ASP A 178 34.21 4.42 -20.72
C ASP A 178 34.15 5.18 -22.04
N VAL A 179 34.31 6.49 -21.99
CA VAL A 179 34.29 7.30 -23.21
C VAL A 179 35.65 7.88 -23.52
N SER A 180 36.68 7.52 -22.76
CA SER A 180 38.03 7.98 -23.01
C SER A 180 38.40 7.74 -24.46
N GLY A 181 38.92 8.77 -25.11
CA GLY A 181 39.30 8.65 -26.50
C GLY A 181 38.15 8.64 -27.48
N ILE A 182 36.92 8.75 -27.01
CA ILE A 182 35.74 8.90 -27.87
C ILE A 182 35.08 10.25 -27.65
N LEU A 183 34.84 10.61 -26.39
CA LEU A 183 34.50 11.97 -26.04
C LEU A 183 35.52 12.95 -26.61
N GLU A 184 35.03 14.01 -27.24
CA GLU A 184 35.86 15.09 -27.78
C GLU A 184 35.66 16.33 -26.94
N GLN A 185 36.73 17.09 -26.74
CA GLN A 185 36.59 18.37 -26.07
C GLN A 185 35.65 19.26 -26.87
N GLY A 186 34.69 19.86 -26.20
CA GLY A 186 33.67 20.65 -26.88
C GLY A 186 32.41 19.83 -27.14
N GLU A 187 31.90 19.91 -28.36
CA GLU A 187 30.59 19.35 -28.66
C GLU A 187 30.68 17.83 -28.86
N ASN A 188 29.69 17.12 -28.32
CA ASN A 188 29.55 15.69 -28.47
C ASN A 188 28.08 15.37 -28.74
N THR A 189 27.85 14.24 -29.40
CA THR A 189 26.50 13.77 -29.70
C THR A 189 26.27 12.39 -29.12
N LEU A 190 25.32 12.29 -28.20
CA LEU A 190 24.97 11.03 -27.58
C LEU A 190 23.68 10.50 -28.20
N ALA A 191 23.70 9.23 -28.61
CA ALA A 191 22.58 8.57 -29.27
C ALA A 191 22.28 7.26 -28.56
N VAL A 192 21.00 7.02 -28.24
CA VAL A 192 20.59 5.81 -27.56
C VAL A 192 19.34 5.28 -28.26
N ARG A 193 19.43 4.05 -28.77
CA ARG A 193 18.28 3.35 -29.30
C ARG A 193 17.74 2.43 -28.22
N VAL A 194 16.45 2.57 -27.91
CA VAL A 194 15.83 1.85 -26.82
C VAL A 194 14.71 0.98 -27.38
N ALA A 195 14.77 -0.32 -27.14
CA ALA A 195 13.68 -1.21 -27.50
C ALA A 195 12.83 -1.46 -26.27
N GLN A 196 11.50 -1.30 -26.41
CA GLN A 196 10.62 -1.62 -25.30
C GLN A 196 10.83 -3.07 -24.86
N PHE A 197 10.67 -4.01 -25.79
CA PHE A 197 10.75 -5.43 -25.50
C PHE A 197 12.07 -6.00 -25.99
N SER A 198 12.53 -7.00 -25.24
CA SER A 198 13.76 -7.72 -25.54
C SER A 198 13.63 -9.06 -24.84
N ALA A 199 14.66 -9.89 -24.97
CA ALA A 199 14.67 -11.12 -24.18
C ALA A 199 14.55 -10.82 -22.69
N ALA A 200 15.09 -9.68 -22.25
CA ALA A 200 15.02 -9.33 -20.84
C ALA A 200 13.58 -9.15 -20.34
N SER A 201 12.65 -8.80 -21.23
CA SER A 201 11.23 -8.69 -20.82
C SER A 201 10.74 -9.97 -20.14
N TYR A 202 11.23 -11.12 -20.56
CA TYR A 202 10.84 -12.43 -19.98
C TYR A 202 11.22 -12.50 -18.51
N VAL A 203 12.19 -11.69 -18.07
CA VAL A 203 12.62 -11.72 -16.67
C VAL A 203 12.27 -10.43 -15.96
N GLU A 204 11.42 -9.60 -16.56
CA GLU A 204 10.93 -8.36 -15.97
C GLU A 204 9.40 -8.31 -16.04
N ASP A 205 8.75 -9.35 -15.55
CA ASP A 205 7.28 -9.50 -15.61
C ASP A 205 6.60 -9.04 -14.33
N GLN A 206 7.11 -7.98 -13.71
CA GLN A 206 6.47 -7.41 -12.52
C GLN A 206 5.03 -6.97 -12.81
N ASP A 207 4.20 -7.08 -11.79
CA ASP A 207 2.81 -6.61 -11.83
C ASP A 207 2.81 -5.08 -11.72
N MET A 208 2.78 -4.38 -12.86
CA MET A 208 2.97 -2.92 -12.95
C MET A 208 2.80 -2.52 -14.41
N TRP A 209 2.88 -1.22 -14.73
CA TRP A 209 2.80 -0.77 -16.10
C TRP A 209 4.06 -1.14 -16.87
N TRP A 210 3.89 -1.59 -18.11
CA TRP A 210 4.97 -1.65 -19.07
C TRP A 210 5.25 -0.23 -19.59
N LEU A 211 6.45 0.29 -19.32
CA LEU A 211 6.81 1.66 -19.66
C LEU A 211 8.24 1.73 -20.16
N PRO A 212 8.46 1.71 -21.48
CA PRO A 212 9.82 1.88 -21.99
C PRO A 212 10.33 3.30 -21.78
N GLY A 213 11.65 3.43 -21.73
CA GLY A 213 12.24 4.76 -21.72
C GLY A 213 13.60 4.77 -21.04
N ILE A 214 14.29 5.89 -21.25
CA ILE A 214 15.46 6.27 -20.46
C ILE A 214 14.90 7.03 -19.26
N PHE A 215 14.56 6.29 -18.20
CA PHE A 215 13.70 6.79 -17.13
C PHE A 215 14.47 7.16 -15.87
N ARG A 216 15.80 7.08 -15.89
CA ARG A 216 16.63 7.62 -14.81
C ARG A 216 17.83 8.34 -15.42
N ASP A 217 18.60 8.95 -14.53
CA ASP A 217 19.63 9.93 -14.86
C ASP A 217 20.59 9.43 -15.92
N VAL A 218 21.07 10.38 -16.72
CA VAL A 218 22.21 10.20 -17.60
C VAL A 218 23.27 11.18 -17.15
N THR A 219 24.47 10.67 -16.88
CA THR A 219 25.51 11.49 -16.28
C THR A 219 26.86 11.25 -16.95
N LEU A 220 27.57 12.35 -17.19
CA LEU A 220 28.98 12.33 -17.60
C LEU A 220 29.83 12.57 -16.35
N GLN A 221 30.76 11.65 -16.08
CA GLN A 221 31.62 11.74 -14.91
C GLN A 221 33.07 11.65 -15.33
N ALA A 222 33.84 12.64 -14.92
CA ALA A 222 35.28 12.58 -15.08
C ALA A 222 35.82 11.49 -14.18
N ARG A 223 36.90 10.83 -14.65
CA ARG A 223 37.59 9.79 -13.88
C ARG A 223 39.05 10.22 -13.72
N PRO A 224 39.32 11.13 -12.78
CA PRO A 224 40.70 11.59 -12.56
C PRO A 224 41.65 10.45 -12.22
N ALA A 225 42.92 10.65 -12.59
CA ALA A 225 43.97 9.72 -12.23
C ALA A 225 44.10 9.63 -10.73
N ALA A 226 44.48 8.46 -10.24
CA ALA A 226 44.69 8.26 -8.80
C ALA A 226 43.39 8.46 -8.05
N GLY A 227 42.30 8.04 -8.66
CA GLY A 227 40.97 8.16 -8.10
C GLY A 227 40.53 6.90 -7.41
N ILE A 228 39.23 6.80 -7.20
CA ILE A 228 38.60 5.70 -6.50
C ILE A 228 37.41 5.25 -7.34
N ASP A 229 37.44 4.01 -7.81
CA ASP A 229 36.26 3.50 -8.52
C ASP A 229 35.21 2.91 -7.61
N ASP A 230 35.61 2.11 -6.62
CA ASP A 230 34.60 1.46 -5.80
C ASP A 230 35.02 1.54 -4.35
N VAL A 231 34.01 1.48 -3.48
CA VAL A 231 34.18 1.49 -2.03
C VAL A 231 33.21 0.47 -1.46
N PHE A 232 33.65 -0.26 -0.44
CA PHE A 232 32.79 -1.20 0.27
C PHE A 232 32.94 -0.95 1.75
N VAL A 233 31.90 -0.32 2.35
CA VAL A 233 31.85 -0.03 3.78
C VAL A 233 31.40 -1.28 4.53
N HIS A 234 32.17 -1.66 5.54
CA HIS A 234 31.78 -2.65 6.54
C HIS A 234 31.75 -1.96 7.90
N ALA A 235 30.56 -1.88 8.49
CA ALA A 235 30.41 -1.13 9.75
C ALA A 235 29.50 -1.95 10.65
N GLY A 236 30.10 -2.82 11.44
CA GLY A 236 29.34 -3.67 12.33
C GLY A 236 29.21 -3.04 13.72
N TYR A 237 28.35 -3.64 14.55
CA TYR A 237 28.11 -3.18 15.90
C TYR A 237 28.20 -4.37 16.84
N ASP A 238 29.03 -4.25 17.88
CA ASP A 238 29.13 -5.26 18.92
C ASP A 238 28.22 -4.80 20.05
N HIS A 239 27.05 -5.42 20.18
CA HIS A 239 26.09 -4.89 21.14
C HIS A 239 26.46 -5.22 22.59
N ILE A 240 27.41 -6.12 22.82
CA ILE A 240 27.89 -6.39 24.18
C ILE A 240 28.78 -5.25 24.65
N THR A 241 29.76 -4.88 23.84
CA THR A 241 30.75 -3.89 24.23
C THR A 241 30.39 -2.48 23.82
N GLY A 242 29.49 -2.33 22.84
CA GLY A 242 29.22 -1.02 22.30
C GLY A 242 30.20 -0.53 21.26
N GLU A 243 31.12 -1.37 20.83
CA GLU A 243 32.11 -0.99 19.83
C GLU A 243 31.54 -1.02 18.42
N GLY A 244 32.12 -0.21 17.56
CA GLY A 244 31.92 -0.34 16.12
C GLY A 244 33.07 -1.16 15.55
N ILE A 245 32.76 -1.93 14.51
CA ILE A 245 33.77 -2.67 13.76
C ILE A 245 33.76 -2.12 12.35
N LEU A 246 34.82 -1.42 11.99
CA LEU A 246 34.87 -0.64 10.76
C LEU A 246 35.99 -1.10 9.85
N LYS A 247 35.64 -1.31 8.58
CA LYS A 247 36.63 -1.49 7.54
C LYS A 247 36.07 -0.89 6.26
N VAL A 248 36.79 0.02 5.64
CA VAL A 248 36.31 0.63 4.40
C VAL A 248 37.27 0.19 3.30
N GLU A 249 36.78 -0.66 2.38
CA GLU A 249 37.59 -1.05 1.23
C GLU A 249 37.46 -0.01 0.13
N ALA A 250 38.55 0.22 -0.60
CA ALA A 250 38.57 1.14 -1.71
C ALA A 250 39.39 0.53 -2.83
N SER A 251 38.92 0.70 -4.06
CA SER A 251 39.64 0.10 -5.18
C SER A 251 39.55 0.99 -6.39
N ARG A 252 40.42 0.68 -7.35
CA ARG A 252 40.52 1.40 -8.61
C ARG A 252 40.88 0.34 -9.63
N GLY A 253 40.14 0.30 -10.72
CA GLY A 253 40.32 -0.74 -11.72
C GLY A 253 40.24 -2.14 -11.14
N GLY A 254 39.40 -2.33 -10.13
CA GLY A 254 39.26 -3.62 -9.51
C GLY A 254 40.37 -4.02 -8.56
N GLN A 255 41.34 -3.14 -8.28
CA GLN A 255 42.42 -3.44 -7.36
C GLN A 255 42.34 -2.55 -6.14
N ALA A 256 42.58 -3.15 -4.98
CA ALA A 256 42.67 -2.38 -3.74
C ALA A 256 43.73 -1.30 -3.88
N ILE A 257 43.45 -0.12 -3.32
CA ILE A 257 44.37 1.00 -3.42
C ILE A 257 44.61 1.60 -2.04
N ASP A 258 45.69 2.38 -1.95
CA ASP A 258 45.96 3.22 -0.80
C ASP A 258 44.95 4.35 -0.77
N ALA A 259 44.25 4.50 0.35
CA ALA A 259 43.38 5.65 0.56
C ALA A 259 43.27 5.88 2.05
N VAL A 260 42.91 7.09 2.43
CA VAL A 260 42.74 7.44 3.83
C VAL A 260 41.26 7.56 4.12
N VAL A 261 40.81 6.94 5.21
CA VAL A 261 39.43 7.06 5.69
C VAL A 261 39.46 8.00 6.88
N ARG A 262 38.58 9.00 6.89
CA ARG A 262 38.49 9.92 8.00
C ARG A 262 37.05 9.93 8.50
N VAL A 263 36.87 9.81 9.81
CA VAL A 263 35.53 9.90 10.38
C VAL A 263 35.60 10.92 11.50
N PRO A 264 35.43 12.20 11.21
CA PRO A 264 35.73 13.22 12.23
C PRO A 264 35.03 13.03 13.56
N GLU A 265 33.75 12.64 13.55
CA GLU A 265 32.99 12.64 14.80
C GLU A 265 33.52 11.56 15.73
N LEU A 266 34.12 10.50 15.19
CA LEU A 266 34.68 9.43 16.00
C LEU A 266 36.20 9.53 16.17
N ALA A 267 36.79 10.63 15.72
CA ALA A 267 38.22 10.91 15.89
C ALA A 267 39.08 9.84 15.23
N LEU A 268 38.67 9.39 14.04
CA LEU A 268 39.28 8.26 13.33
C LEU A 268 40.01 8.75 12.08
N GLU A 269 41.26 8.32 11.92
CA GLU A 269 41.96 8.43 10.65
C GLU A 269 42.64 7.10 10.44
N LEU A 270 42.20 6.38 9.42
CA LEU A 270 42.70 5.03 9.20
C LEU A 270 42.88 4.79 7.70
N ALA A 271 43.63 3.73 7.42
CA ALA A 271 43.85 3.31 6.05
C ALA A 271 42.65 2.55 5.51
N ALA A 272 42.34 2.78 4.24
CA ALA A 272 41.35 1.91 3.60
C ALA A 272 41.91 0.50 3.57
N GLY A 273 41.04 -0.46 3.81
CA GLY A 273 41.44 -1.85 3.79
C GLY A 273 41.77 -2.48 5.13
N THR A 274 41.77 -1.73 6.22
CA THR A 274 42.11 -2.31 7.52
C THR A 274 40.92 -2.23 8.45
N GLU A 275 40.68 -3.33 9.15
CA GLU A 275 39.59 -3.41 10.10
C GLU A 275 40.04 -2.87 11.45
N VAL A 276 39.21 -2.02 12.04
CA VAL A 276 39.49 -1.45 13.35
C VAL A 276 38.26 -1.59 14.24
N ARG A 277 38.51 -1.45 15.53
CA ARG A 277 37.47 -1.47 16.55
C ARG A 277 37.33 -0.07 17.12
N VAL A 278 36.17 0.54 16.88
CA VAL A 278 35.87 1.88 17.37
C VAL A 278 35.33 1.70 18.79
N PRO A 279 35.88 2.40 19.79
CA PRO A 279 35.56 2.05 21.18
C PRO A 279 34.10 2.20 21.54
N ALA A 280 33.44 3.24 21.04
CA ALA A 280 32.03 3.40 21.31
C ALA A 280 31.42 4.04 20.08
N VAL A 281 30.35 3.44 19.59
CA VAL A 281 29.57 4.06 18.54
C VAL A 281 28.11 4.00 18.97
N GLU A 282 27.33 4.92 18.44
CA GLU A 282 25.88 4.86 18.58
C GLU A 282 25.30 4.11 17.40
N PRO A 283 24.60 2.99 17.62
CA PRO A 283 24.22 2.12 16.51
C PRO A 283 23.06 2.67 15.69
N TRP A 284 23.08 2.31 14.42
CA TRP A 284 22.01 2.63 13.48
C TRP A 284 20.86 1.63 13.59
N SER A 285 19.63 2.15 13.66
CA SER A 285 18.40 1.38 13.45
C SER A 285 17.40 2.26 12.74
N ALA A 286 16.30 1.65 12.27
CA ALA A 286 15.23 2.47 11.70
C ALA A 286 14.68 3.43 12.73
N GLU A 287 14.67 3.03 14.02
CA GLU A 287 14.14 3.91 15.07
C GLU A 287 15.10 5.06 15.34
N VAL A 288 16.39 4.77 15.35
CA VAL A 288 17.41 5.77 15.68
C VAL A 288 18.49 5.67 14.61
N PRO A 289 18.29 6.35 13.45
CA PRO A 289 19.17 6.16 12.28
C PRO A 289 20.45 6.99 12.36
N LYS A 290 21.22 6.73 13.41
CA LYS A 290 22.50 7.42 13.59
C LYS A 290 23.44 7.15 12.42
N LEU A 291 23.95 8.22 11.84
CA LEU A 291 24.89 8.16 10.73
C LEU A 291 26.09 9.03 11.04
N TYR A 292 27.28 8.52 10.76
CA TYR A 292 28.52 9.28 10.90
C TYR A 292 29.04 9.69 9.53
N GLU A 293 29.32 10.96 9.36
CA GLU A 293 29.88 11.42 8.08
C GLU A 293 31.32 10.96 7.98
N ALA A 294 31.69 10.55 6.79
CA ALA A 294 33.04 10.04 6.55
C ALA A 294 33.46 10.32 5.11
N ALA A 295 34.75 10.21 4.86
CA ALA A 295 35.28 10.39 3.52
C ALA A 295 36.42 9.41 3.33
N VAL A 296 36.56 8.87 2.14
CA VAL A 296 37.71 7.98 1.84
C VAL A 296 38.41 8.68 0.68
N SER A 297 39.69 8.99 0.86
CA SER A 297 40.37 9.86 -0.11
C SER A 297 41.65 9.25 -0.67
N ALA A 298 41.79 9.35 -1.98
CA ALA A 298 43.04 9.08 -2.65
C ALA A 298 43.58 10.39 -3.20
N ALA A 299 44.76 10.35 -3.82
CA ALA A 299 45.36 11.59 -4.30
C ALA A 299 44.42 12.33 -5.25
N GLY A 300 43.68 11.62 -6.09
CA GLY A 300 42.97 12.29 -7.17
C GLY A 300 41.45 12.34 -7.03
N GLU A 301 40.90 11.78 -5.96
CA GLU A 301 39.46 11.72 -5.80
C GLU A 301 39.12 11.42 -4.36
N SER A 302 38.01 12.01 -3.88
CA SER A 302 37.50 11.80 -2.52
C SER A 302 36.02 11.44 -2.60
N VAL A 303 35.63 10.44 -1.81
CA VAL A 303 34.26 9.93 -1.78
C VAL A 303 33.66 10.24 -0.42
N ALA A 304 32.44 10.75 -0.41
CA ALA A 304 31.75 11.09 0.82
C ALA A 304 30.77 9.98 1.19
N LEU A 305 30.78 9.55 2.46
CA LEU A 305 29.98 8.42 2.90
C LEU A 305 29.22 8.78 4.15
N GLN A 306 28.07 8.11 4.36
CA GLN A 306 27.39 8.13 5.64
C GLN A 306 27.39 6.72 6.20
N ILE A 307 27.97 6.55 7.38
CA ILE A 307 28.22 5.22 7.92
C ILE A 307 27.24 5.01 9.07
N GLY A 308 26.44 3.94 8.98
CA GLY A 308 25.64 3.51 10.09
C GLY A 308 26.15 2.19 10.60
N PHE A 309 26.49 2.11 11.86
CA PHE A 309 27.02 0.89 12.43
C PHE A 309 25.87 0.01 12.87
N ARG A 310 25.77 -1.19 12.30
CA ARG A 310 24.73 -2.12 12.69
C ARG A 310 25.13 -3.49 12.19
N SER A 311 24.80 -4.52 12.97
CA SER A 311 25.04 -5.89 12.57
C SER A 311 23.74 -6.65 12.54
N ILE A 312 23.62 -7.57 11.59
CA ILE A 312 22.41 -8.36 11.38
C ILE A 312 22.77 -9.81 11.63
N ALA A 313 21.92 -10.51 12.37
CA ALA A 313 22.20 -11.90 12.68
C ALA A 313 20.88 -12.67 12.76
N ILE A 314 20.92 -13.92 12.33
CA ILE A 314 19.82 -14.84 12.54
C ILE A 314 20.21 -15.82 13.61
N GLU A 315 19.41 -15.88 14.67
CA GLU A 315 19.75 -16.62 15.88
C GLU A 315 18.46 -17.06 16.52
N ASP A 316 18.38 -18.33 16.90
CA ASP A 316 17.21 -18.88 17.57
C ASP A 316 15.94 -18.59 16.79
N ALA A 317 16.04 -18.74 15.46
CA ALA A 317 14.88 -18.60 14.56
C ALA A 317 14.31 -17.18 14.60
N GLN A 318 15.19 -16.21 14.87
CA GLN A 318 14.83 -14.80 14.92
C GLN A 318 15.78 -13.95 14.08
N PHE A 319 15.22 -12.95 13.43
CA PHE A 319 15.96 -11.95 12.69
C PHE A 319 16.30 -10.79 13.61
N LYS A 320 17.59 -10.62 13.90
CA LYS A 320 18.05 -9.66 14.89
C LYS A 320 18.92 -8.59 14.25
N VAL A 321 18.75 -7.36 14.70
CA VAL A 321 19.67 -6.28 14.41
C VAL A 321 20.24 -5.77 15.73
N ASN A 322 21.56 -5.64 15.78
CA ASN A 322 22.23 -5.12 16.96
C ASN A 322 21.86 -5.88 18.22
N GLY A 323 21.69 -7.20 18.05
CA GLY A 323 21.49 -8.05 19.17
C GLY A 323 20.03 -8.22 19.59
N ARG A 324 19.09 -7.57 18.89
CA ARG A 324 17.67 -7.61 19.27
C ARG A 324 16.81 -8.02 18.10
N ARG A 325 15.82 -8.86 18.40
CA ARG A 325 14.78 -9.15 17.44
C ARG A 325 14.04 -7.87 17.10
N ILE A 326 13.79 -7.62 15.82
CA ILE A 326 13.03 -6.44 15.43
C ILE A 326 11.68 -6.86 14.86
N LEU A 327 10.75 -5.92 14.86
CA LEU A 327 9.44 -6.11 14.22
C LEU A 327 9.39 -5.19 12.99
N LEU A 328 9.23 -5.81 11.82
CA LEU A 328 9.14 -5.09 10.56
C LEU A 328 7.71 -4.61 10.36
N ARG A 329 7.54 -3.30 10.28
CA ARG A 329 6.25 -2.64 10.04
C ARG A 329 6.35 -2.05 8.64
N GLY A 330 6.08 -2.88 7.64
CA GLY A 330 6.54 -2.61 6.29
C GLY A 330 5.53 -2.32 5.21
N VAL A 331 6.03 -1.76 4.12
CA VAL A 331 5.28 -1.67 2.87
C VAL A 331 6.15 -2.04 1.69
N ASN A 332 5.50 -2.50 0.63
CA ASN A 332 6.14 -2.72 -0.67
C ASN A 332 6.02 -1.44 -1.47
N ARG A 333 7.17 -0.88 -1.85
CA ARG A 333 7.26 0.38 -2.58
C ARG A 333 7.66 0.13 -4.03
N HIS A 334 6.72 0.34 -4.93
CA HIS A 334 7.03 0.54 -6.35
C HIS A 334 7.39 1.98 -6.63
N GLU A 335 8.03 2.22 -7.77
CA GLU A 335 8.30 3.57 -8.25
C GLU A 335 7.28 3.91 -9.33
N HIS A 336 6.40 4.83 -9.00
CA HIS A 336 5.35 5.23 -9.91
C HIS A 336 4.97 6.66 -9.64
N HIS A 337 4.64 7.36 -10.72
CA HIS A 337 4.15 8.71 -10.67
C HIS A 337 3.00 8.81 -11.68
N PRO A 338 1.86 9.38 -11.30
CA PRO A 338 0.68 9.32 -12.18
C PRO A 338 0.82 10.14 -13.45
N ARG A 339 1.78 11.05 -13.54
CA ARG A 339 1.99 11.75 -14.78
C ARG A 339 3.33 11.46 -15.42
N LEU A 340 4.31 10.96 -14.68
CA LEU A 340 5.66 10.74 -15.21
C LEU A 340 6.07 9.27 -15.27
N GLY A 341 5.21 8.35 -14.83
CA GLY A 341 5.49 6.92 -14.98
C GLY A 341 6.50 6.42 -13.97
N ARG A 342 7.63 5.90 -14.45
CA ARG A 342 8.68 5.34 -13.57
C ARG A 342 9.60 6.45 -13.05
N VAL A 343 9.45 7.67 -13.54
CA VAL A 343 10.24 8.81 -13.06
C VAL A 343 9.53 9.37 -11.84
N VAL A 344 10.16 9.25 -10.67
CA VAL A 344 9.58 9.77 -9.44
C VAL A 344 10.42 10.97 -9.01
N PRO A 345 9.90 12.20 -9.11
CA PRO A 345 10.68 13.36 -8.69
C PRO A 345 11.19 13.24 -7.26
N ARG A 346 12.36 13.81 -6.99
CA ARG A 346 12.99 13.65 -5.69
C ARG A 346 12.09 14.19 -4.57
N ASP A 347 11.43 15.33 -4.80
CA ASP A 347 10.57 15.91 -3.76
C ASP A 347 9.39 15.01 -3.44
N VAL A 348 8.90 14.24 -4.42
CA VAL A 348 7.85 13.26 -4.16
C VAL A 348 8.40 12.11 -3.34
N VAL A 349 9.61 11.63 -3.66
CA VAL A 349 10.25 10.61 -2.86
C VAL A 349 10.40 11.07 -1.42
N GLU A 350 10.96 12.27 -1.22
CA GLU A 350 11.18 12.73 0.15
C GLU A 350 9.86 12.82 0.90
N ALA A 351 8.84 13.39 0.25
CA ALA A 351 7.54 13.55 0.88
C ALA A 351 6.90 12.20 1.22
N GLU A 352 6.98 11.23 0.32
CA GLU A 352 6.30 9.96 0.59
C GLU A 352 7.01 9.17 1.69
N LEU A 353 8.33 9.28 1.78
CA LEU A 353 9.02 8.61 2.88
C LEU A 353 8.65 9.25 4.22
N ARG A 354 8.56 10.57 4.26
CA ARG A 354 8.08 11.23 5.48
C ARG A 354 6.64 10.80 5.81
N LEU A 355 5.80 10.69 4.79
CA LEU A 355 4.44 10.20 5.01
C LEU A 355 4.43 8.79 5.60
N MET A 356 5.32 7.92 5.11
CA MET A 356 5.43 6.58 5.68
C MET A 356 5.80 6.64 7.16
N LYS A 357 6.89 7.36 7.49
CA LYS A 357 7.24 7.55 8.89
C LYS A 357 6.09 8.08 9.72
N GLN A 358 5.33 9.03 9.16
CA GLN A 358 4.18 9.60 9.83
C GLN A 358 3.05 8.61 10.02
N HIS A 359 3.10 7.46 9.33
CA HIS A 359 2.13 6.41 9.54
C HIS A 359 2.77 5.18 10.17
N ASN A 360 3.86 5.40 10.89
CA ASN A 360 4.53 4.43 11.78
C ASN A 360 5.25 3.32 11.03
N ILE A 361 5.39 3.43 9.71
CA ILE A 361 6.13 2.44 8.92
C ILE A 361 7.61 2.54 9.26
N ASN A 362 8.28 1.37 9.39
CA ASN A 362 9.70 1.34 9.66
C ASN A 362 10.46 0.49 8.66
N ALA A 363 9.80 -0.02 7.63
CA ALA A 363 10.46 -0.95 6.72
C ALA A 363 9.86 -0.86 5.32
N ILE A 364 10.74 -1.03 4.32
CA ILE A 364 10.37 -0.95 2.90
C ILE A 364 11.01 -2.11 2.14
N ARG A 365 10.20 -2.78 1.32
CA ARG A 365 10.68 -3.70 0.31
C ARG A 365 10.60 -3.03 -1.05
N THR A 366 11.73 -3.02 -1.77
CA THR A 366 11.79 -2.34 -3.08
C THR A 366 11.23 -3.30 -4.13
N SER A 367 9.90 -3.44 -4.11
CA SER A 367 9.22 -4.32 -5.03
C SER A 367 9.28 -3.73 -6.43
N HIS A 368 9.76 -4.47 -7.44
CA HIS A 368 10.52 -5.73 -7.38
C HIS A 368 11.78 -5.50 -8.26
N TYR A 369 12.58 -4.53 -7.84
CA TYR A 369 13.76 -4.05 -8.55
C TYR A 369 14.43 -2.99 -7.72
N PRO A 370 15.71 -2.66 -7.98
CA PRO A 370 16.35 -1.63 -7.22
C PRO A 370 15.67 -0.31 -7.49
N PRO A 371 15.55 0.53 -6.50
CA PRO A 371 14.97 1.86 -6.68
C PRO A 371 15.97 2.79 -7.34
N HIS A 372 15.53 4.02 -7.58
CA HIS A 372 16.48 5.07 -7.95
C HIS A 372 17.64 5.09 -6.96
N PRO A 373 18.89 5.30 -7.43
CA PRO A 373 20.01 5.18 -6.50
C PRO A 373 19.97 6.16 -5.34
N GLN A 374 19.35 7.30 -5.60
CA GLN A 374 19.17 8.35 -4.48
CA GLN A 374 19.19 8.28 -4.50
C GLN A 374 18.27 7.95 -3.27
N PHE A 375 17.48 6.90 -3.53
CA PHE A 375 16.56 6.45 -2.48
C PHE A 375 17.33 5.96 -1.26
N LEU A 376 18.48 5.32 -1.48
CA LEU A 376 19.17 4.61 -0.41
C LEU A 376 19.59 5.57 0.72
N ALA A 377 20.20 6.72 0.37
CA ALA A 377 20.63 7.65 1.42
C ALA A 377 19.44 8.25 2.19
N LEU A 378 18.30 8.43 1.52
CA LEU A 378 17.09 8.87 2.23
C LEU A 378 16.62 7.82 3.25
N ALA A 379 16.67 6.54 2.88
CA ALA A 379 16.30 5.47 3.80
C ALA A 379 17.27 5.37 4.98
N ASP A 380 18.59 5.50 4.71
CA ASP A 380 19.58 5.61 5.78
C ASP A 380 19.23 6.75 6.74
N GLN A 381 18.86 7.90 6.19
CA GLN A 381 18.70 9.10 6.98
C GLN A 381 17.39 9.11 7.78
N LEU A 382 16.29 8.79 7.12
CA LEU A 382 14.98 8.83 7.79
C LEU A 382 14.74 7.58 8.64
N GLY A 383 15.35 6.46 8.26
CA GLY A 383 15.29 5.24 9.04
C GLY A 383 14.23 4.28 8.60
N PHE A 384 14.60 3.37 7.69
CA PHE A 384 13.78 2.23 7.29
C PHE A 384 14.68 1.02 7.18
N TYR A 385 14.17 -0.12 7.61
CA TYR A 385 14.78 -1.41 7.28
C TYR A 385 14.39 -1.75 5.85
N VAL A 386 15.38 -1.90 4.97
CA VAL A 386 15.12 -2.07 3.53
C VAL A 386 15.45 -3.49 3.10
N VAL A 387 14.51 -4.09 2.37
CA VAL A 387 14.73 -5.32 1.62
C VAL A 387 14.97 -4.87 0.19
N LEU A 388 16.23 -4.90 -0.23
CA LEU A 388 16.69 -4.41 -1.54
C LEU A 388 16.61 -5.58 -2.51
N GLU A 389 15.70 -5.48 -3.47
CA GLU A 389 15.36 -6.60 -4.33
C GLU A 389 15.90 -6.44 -5.74
N CYS A 390 16.48 -7.53 -6.24
CA CYS A 390 17.01 -7.57 -7.59
C CYS A 390 15.86 -7.51 -8.59
N ASP A 391 16.16 -6.97 -9.76
CA ASP A 391 15.25 -6.84 -10.91
C ASP A 391 15.13 -8.20 -11.59
N LEU A 392 14.21 -9.02 -11.09
CA LEU A 392 13.99 -10.35 -11.66
C LEU A 392 12.57 -10.83 -11.34
N GLU A 393 11.80 -11.18 -12.36
CA GLU A 393 10.45 -11.75 -12.14
C GLU A 393 10.03 -12.47 -13.41
N THR A 394 9.72 -13.77 -13.28
CA THR A 394 9.37 -14.62 -14.42
C THR A 394 7.94 -15.18 -14.28
N HIS A 395 7.10 -14.44 -13.55
CA HIS A 395 5.80 -14.92 -13.06
C HIS A 395 4.93 -15.52 -14.16
N GLY A 396 4.97 -14.92 -15.35
CA GLY A 396 4.11 -15.38 -16.42
C GLY A 396 4.49 -16.75 -16.98
N PHE A 397 5.55 -17.37 -16.52
CA PHE A 397 5.83 -18.78 -16.85
C PHE A 397 5.01 -19.72 -15.98
N GLU A 398 4.40 -19.24 -14.90
CA GLU A 398 3.67 -20.15 -14.00
C GLU A 398 2.52 -20.86 -14.72
N SER A 399 1.86 -20.18 -15.66
CA SER A 399 0.65 -20.77 -16.21
C SER A 399 0.94 -21.97 -17.10
N ALA A 400 2.20 -22.19 -17.49
CA ALA A 400 2.60 -23.37 -18.22
C ALA A 400 3.41 -24.32 -17.34
N GLY A 401 3.14 -24.27 -16.03
CA GLY A 401 3.86 -25.13 -15.11
C GLY A 401 5.34 -24.79 -15.04
N TRP A 402 5.70 -23.53 -15.31
CA TRP A 402 7.08 -23.01 -15.32
C TRP A 402 7.95 -23.64 -16.38
N ALA A 403 7.36 -24.28 -17.39
CA ALA A 403 8.13 -24.67 -18.56
C ALA A 403 8.83 -23.45 -19.16
N GLN A 404 10.11 -23.60 -19.54
CA GLN A 404 10.99 -22.58 -20.18
C GLN A 404 11.31 -21.45 -19.20
N ASN A 405 11.08 -21.65 -17.91
CA ASN A 405 11.35 -20.57 -16.94
C ASN A 405 12.83 -20.20 -17.04
N PRO A 406 13.18 -18.93 -17.21
CA PRO A 406 14.57 -18.49 -17.27
C PRO A 406 15.37 -18.80 -15.99
N SER A 407 14.72 -18.81 -14.85
CA SER A 407 15.42 -19.06 -13.56
C SER A 407 16.10 -20.43 -13.57
N ASP A 408 15.62 -21.39 -14.36
CA ASP A 408 16.22 -22.73 -14.39
C ASP A 408 16.83 -23.06 -15.74
N ASP A 409 17.06 -22.07 -16.60
CA ASP A 409 17.55 -22.34 -17.94
C ASP A 409 19.03 -21.97 -17.98
N PRO A 410 19.93 -22.91 -18.21
CA PRO A 410 21.35 -22.57 -18.22
C PRO A 410 21.70 -21.40 -19.11
N GLN A 411 20.99 -21.19 -20.23
CA GLN A 411 21.37 -20.09 -21.11
C GLN A 411 21.28 -18.73 -20.41
N TRP A 412 20.44 -18.60 -19.40
CA TRP A 412 20.20 -17.34 -18.66
C TRP A 412 21.10 -17.14 -17.44
N GLU A 413 22.05 -18.02 -17.15
CA GLU A 413 22.83 -17.87 -15.92
C GLU A 413 23.58 -16.54 -15.88
N ASP A 414 24.36 -16.24 -16.93
CA ASP A 414 25.16 -15.02 -16.90
C ASP A 414 24.28 -13.77 -16.75
N ALA A 415 23.15 -13.73 -17.46
CA ALA A 415 22.24 -12.59 -17.37
C ALA A 415 21.70 -12.39 -15.95
N LEU A 416 21.31 -13.48 -15.29
CA LEU A 416 20.71 -13.38 -13.96
C LEU A 416 21.76 -13.12 -12.88
N VAL A 417 22.95 -13.73 -13.00
CA VAL A 417 24.00 -13.38 -12.05
C VAL A 417 24.41 -11.90 -12.23
N ASP A 418 24.44 -11.42 -13.48
CA ASP A 418 24.74 -10.02 -13.70
C ASP A 418 23.74 -9.10 -13.02
N ARG A 419 22.45 -9.43 -13.07
CA ARG A 419 21.46 -8.60 -12.41
C ARG A 419 21.73 -8.52 -10.92
N MET A 420 22.02 -9.66 -10.31
CA MET A 420 22.27 -9.68 -8.87
C MET A 420 23.54 -8.93 -8.54
N ARG A 421 24.58 -9.12 -9.35
CA ARG A 421 25.83 -8.39 -9.13
C ARG A 421 25.62 -6.88 -9.19
N ARG A 422 24.94 -6.40 -10.23
CA ARG A 422 24.74 -4.96 -10.30
C ARG A 422 23.88 -4.48 -9.13
N THR A 423 22.87 -5.27 -8.75
CA THR A 423 22.03 -4.92 -7.62
C THR A 423 22.87 -4.74 -6.36
N VAL A 424 23.65 -5.77 -6.01
CA VAL A 424 24.42 -5.74 -4.78
C VAL A 424 25.48 -4.66 -4.84
N GLU A 425 26.23 -4.58 -5.94
CA GLU A 425 27.35 -3.63 -5.97
C GLU A 425 26.86 -2.19 -5.81
N ARG A 426 25.70 -1.84 -6.37
CA ARG A 426 25.28 -0.44 -6.33
C ARG A 426 25.05 0.04 -4.89
N ASP A 427 24.40 -0.78 -4.07
CA ASP A 427 23.80 -0.30 -2.83
C ASP A 427 24.45 -0.91 -1.59
N LYS A 428 25.59 -1.57 -1.74
CA LYS A 428 26.17 -2.37 -0.66
C LYS A 428 26.66 -1.54 0.53
N ASN A 429 26.79 -0.22 0.39
CA ASN A 429 27.33 0.61 1.46
C ASN A 429 26.29 1.16 2.42
N HIS A 430 25.00 0.83 2.25
CA HIS A 430 23.92 1.51 2.97
C HIS A 430 23.44 0.69 4.15
N ALA A 431 23.52 1.31 5.34
CA ALA A 431 23.09 0.67 6.56
C ALA A 431 21.62 0.24 6.50
N SER A 432 20.77 0.99 5.78
CA SER A 432 19.34 0.66 5.74
C SER A 432 19.08 -0.67 5.05
N VAL A 433 19.95 -1.09 4.15
CA VAL A 433 19.74 -2.38 3.50
C VAL A 433 20.06 -3.49 4.50
N VAL A 434 19.05 -4.24 4.93
CA VAL A 434 19.25 -5.33 5.89
C VAL A 434 19.01 -6.71 5.28
N MET A 435 18.49 -6.79 4.07
CA MET A 435 18.38 -8.05 3.35
C MET A 435 18.53 -7.80 1.86
N TRP A 436 19.16 -8.72 1.17
CA TRP A 436 19.16 -8.77 -0.29
C TRP A 436 18.09 -9.74 -0.73
N SER A 437 17.27 -9.36 -1.68
CA SER A 437 16.28 -10.26 -2.25
C SER A 437 16.64 -10.60 -3.69
N LEU A 438 16.53 -11.89 -4.02
CA LEU A 438 16.95 -12.40 -5.34
C LEU A 438 16.02 -11.97 -6.47
N GLY A 439 14.78 -11.60 -6.15
CA GLY A 439 13.78 -11.28 -7.14
C GLY A 439 12.41 -11.63 -6.57
N ASN A 440 11.45 -11.87 -7.46
CA ASN A 440 10.07 -12.06 -7.05
C ASN A 440 9.34 -12.98 -8.03
N GLN A 441 8.60 -13.96 -7.51
CA GLN A 441 7.75 -14.85 -8.30
C GLN A 441 8.45 -15.30 -9.58
N ALA A 442 9.62 -15.90 -9.39
CA ALA A 442 10.45 -16.36 -10.49
C ALA A 442 10.64 -17.88 -10.43
N GLY A 443 9.81 -18.56 -9.63
CA GLY A 443 9.92 -20.01 -9.56
C GLY A 443 11.16 -20.47 -8.81
N THR A 444 11.54 -21.71 -9.06
CA THR A 444 12.78 -22.26 -8.52
C THR A 444 13.73 -22.58 -9.66
N GLY A 445 15.02 -22.51 -9.39
CA GLY A 445 15.91 -22.92 -10.46
C GLY A 445 17.36 -22.65 -10.17
N ARG A 446 18.20 -23.25 -11.00
CA ARG A 446 19.64 -23.26 -10.74
C ARG A 446 20.25 -21.87 -10.80
N ASN A 447 19.65 -20.96 -11.60
CA ASN A 447 20.20 -19.62 -11.71
C ASN A 447 19.93 -18.80 -10.46
N LEU A 448 18.79 -19.04 -9.78
CA LEU A 448 18.56 -18.40 -8.49
C LEU A 448 19.58 -18.90 -7.46
N ALA A 449 19.87 -20.19 -7.47
CA ALA A 449 20.92 -20.72 -6.62
C ALA A 449 22.26 -20.05 -6.90
N ALA A 450 22.57 -19.83 -8.20
CA ALA A 450 23.81 -19.15 -8.57
C ALA A 450 23.83 -17.71 -8.05
N MET A 451 22.69 -17.02 -8.15
CA MET A 451 22.60 -15.65 -7.65
C MET A 451 22.81 -15.60 -6.14
N SER A 452 22.20 -16.55 -5.42
CA SER A 452 22.38 -16.63 -3.98
C SER A 452 23.85 -16.88 -3.63
N ARG A 453 24.46 -17.86 -4.28
CA ARG A 453 25.86 -18.17 -3.98
C ARG A 453 26.77 -16.98 -4.22
N TRP A 454 26.54 -16.25 -5.31
CA TRP A 454 27.37 -15.09 -5.62
C TRP A 454 27.24 -14.05 -4.52
N THR A 455 26.00 -13.84 -4.05
CA THR A 455 25.71 -12.82 -3.08
C THR A 455 26.28 -13.18 -1.71
N LYS A 456 26.13 -14.45 -1.27
CA LYS A 456 26.67 -14.86 0.03
CA LYS A 456 26.67 -14.86 0.03
C LYS A 456 28.19 -14.72 0.05
N ASP A 457 28.85 -15.02 -1.09
CA ASP A 457 30.29 -14.88 -1.19
C ASP A 457 30.70 -13.41 -1.15
N ARG A 458 29.98 -12.57 -1.86
CA ARG A 458 30.39 -11.19 -1.99
C ARG A 458 30.11 -10.38 -0.73
N ASP A 459 28.94 -10.59 -0.13
CA ASP A 459 28.48 -9.79 1.01
C ASP A 459 27.79 -10.69 2.02
N PRO A 460 28.56 -11.38 2.86
CA PRO A 460 27.96 -12.20 3.91
C PRO A 460 27.29 -11.39 5.02
N SER A 461 27.33 -10.06 4.99
CA SER A 461 26.80 -9.28 6.10
C SER A 461 25.28 -9.16 6.09
N ARG A 462 24.62 -9.53 4.99
CA ARG A 462 23.17 -9.35 4.90
C ARG A 462 22.49 -10.67 4.52
N PRO A 463 21.45 -11.09 5.24
CA PRO A 463 20.73 -12.31 4.89
C PRO A 463 20.05 -12.23 3.52
N ILE A 464 19.84 -13.38 2.91
CA ILE A 464 19.27 -13.49 1.58
C ILE A 464 17.78 -13.84 1.71
N HIS A 465 16.96 -13.13 0.96
CA HIS A 465 15.50 -13.31 0.91
C HIS A 465 15.11 -13.74 -0.50
N TYR A 466 14.19 -14.72 -0.61
CA TYR A 466 13.52 -15.03 -1.88
C TYR A 466 12.31 -15.90 -1.58
N GLU A 467 11.11 -15.35 -1.75
CA GLU A 467 9.89 -16.09 -1.48
C GLU A 467 9.61 -17.18 -2.52
N GLY A 468 10.16 -17.07 -3.73
CA GLY A 468 9.67 -17.86 -4.86
C GLY A 468 9.92 -19.35 -4.75
N ASP A 469 10.85 -19.79 -3.87
CA ASP A 469 11.17 -21.21 -3.66
C ASP A 469 10.83 -21.56 -2.20
N TRP A 470 9.67 -22.19 -1.97
CA TRP A 470 9.22 -22.35 -0.59
C TRP A 470 10.13 -23.28 0.22
N SER A 471 10.89 -24.16 -0.44
CA SER A 471 11.83 -25.01 0.27
C SER A 471 12.91 -24.19 0.98
N SER A 472 13.12 -22.94 0.56
CA SER A 472 14.07 -22.02 1.20
C SER A 472 15.50 -22.55 1.14
N GLU A 473 15.81 -23.35 0.11
CA GLU A 473 17.11 -24.00 0.04
C GLU A 473 18.26 -23.00 -0.03
N HIS A 474 18.06 -21.87 -0.71
CA HIS A 474 19.16 -20.94 -0.98
C HIS A 474 18.99 -19.61 -0.29
N VAL A 475 18.21 -19.56 0.81
CA VAL A 475 17.93 -18.31 1.50
C VAL A 475 18.23 -18.48 2.98
N ASP A 476 18.13 -17.36 3.69
CA ASP A 476 18.39 -17.32 5.12
C ASP A 476 17.16 -17.03 5.95
N VAL A 477 16.07 -16.59 5.33
CA VAL A 477 14.79 -16.35 6.00
C VAL A 477 13.74 -17.09 5.20
N TYR A 478 12.67 -17.53 5.89
CA TYR A 478 11.53 -18.15 5.23
C TYR A 478 10.53 -17.05 4.94
N SER A 479 10.25 -16.82 3.65
CA SER A 479 9.38 -15.75 3.20
C SER A 479 8.18 -16.32 2.48
N ARG A 480 6.98 -15.80 2.83
CA ARG A 480 5.77 -16.11 2.08
C ARG A 480 5.00 -14.82 1.78
N MET A 481 4.06 -14.92 0.84
CA MET A 481 3.14 -13.83 0.52
C MET A 481 1.71 -14.32 0.68
N TYR A 482 0.94 -13.55 1.44
CA TYR A 482 -0.52 -13.78 1.62
C TYR A 482 -0.83 -15.11 2.29
N ALA A 483 0.10 -15.69 3.04
CA ALA A 483 -0.25 -16.80 3.91
C ALA A 483 -1.33 -16.33 4.87
N SER A 484 -2.31 -17.20 5.11
CA SER A 484 -3.44 -16.84 5.96
C SER A 484 -2.96 -16.56 7.38
N GLN A 485 -3.82 -15.87 8.13
CA GLN A 485 -3.55 -15.68 9.55
C GLN A 485 -3.36 -17.02 10.25
N ALA A 486 -4.19 -18.01 9.93
CA ALA A 486 -4.05 -19.35 10.51
C ALA A 486 -2.67 -19.95 10.22
N GLU A 487 -2.23 -19.90 8.95
CA GLU A 487 -0.94 -20.50 8.64
C GLU A 487 0.17 -19.72 9.31
N THR A 488 0.05 -18.39 9.39
CA THR A 488 1.06 -17.61 10.05
C THR A 488 1.18 -18.02 11.52
N ALA A 489 0.03 -18.32 12.17
CA ALA A 489 0.05 -18.71 13.57
C ALA A 489 0.75 -20.05 13.75
N LEU A 490 0.57 -20.97 12.80
CA LEU A 490 1.31 -22.23 12.85
C LEU A 490 2.81 -21.99 12.68
N ILE A 491 3.17 -21.17 11.70
CA ILE A 491 4.58 -20.91 11.48
C ILE A 491 5.16 -20.23 12.70
N GLY A 492 4.40 -19.31 13.30
CA GLY A 492 4.90 -18.62 14.47
C GLY A 492 5.23 -19.58 15.58
N GLN A 493 4.48 -20.65 15.70
CA GLN A 493 4.68 -21.64 16.74
C GLN A 493 5.65 -22.73 16.32
N GLY A 494 6.14 -22.68 15.09
CA GLY A 494 7.09 -23.67 14.61
C GLY A 494 6.51 -25.02 14.34
N ILE A 495 5.20 -25.09 14.03
CA ILE A 495 4.51 -26.37 13.91
C ILE A 495 3.86 -26.52 12.53
N GLU A 496 4.37 -25.80 11.54
CA GLU A 496 3.85 -25.94 10.19
C GLU A 496 4.23 -27.30 9.62
N PRO A 497 3.56 -27.76 8.56
CA PRO A 497 3.86 -29.09 8.00
C PRO A 497 5.28 -29.14 7.44
N ALA A 498 5.87 -30.33 7.53
CA ALA A 498 7.28 -30.48 7.18
C ALA A 498 7.47 -30.52 5.67
N LEU A 499 8.60 -30.00 5.22
CA LEU A 499 9.10 -30.33 3.89
C LEU A 499 9.40 -31.82 3.77
N ASN A 500 9.28 -32.35 2.55
CA ASN A 500 9.61 -33.77 2.33
C ASN A 500 11.04 -34.08 2.66
N ASP A 501 11.93 -33.15 2.38
CA ASP A 501 13.36 -33.32 2.62
C ASP A 501 13.67 -32.93 4.05
N ALA A 502 14.07 -33.90 4.87
CA ALA A 502 14.27 -33.63 6.29
C ALA A 502 15.34 -32.59 6.53
N ALA A 503 16.42 -32.61 5.75
CA ALA A 503 17.49 -31.63 5.96
C ALA A 503 17.01 -30.23 5.61
N LEU A 504 16.27 -30.09 4.51
CA LEU A 504 15.73 -28.77 4.19
C LEU A 504 14.68 -28.36 5.19
N ASP A 505 13.90 -29.30 5.70
CA ASP A 505 12.91 -28.93 6.71
C ASP A 505 13.58 -28.40 7.97
N ALA A 506 14.59 -29.12 8.48
CA ALA A 506 15.30 -28.64 9.66
C ALA A 506 15.86 -27.23 9.43
N ARG A 507 16.46 -26.97 8.26
CA ARG A 507 16.98 -25.64 7.96
CA ARG A 507 16.98 -25.64 7.98
C ARG A 507 15.86 -24.60 8.02
N ARG A 508 14.74 -24.88 7.37
CA ARG A 508 13.68 -23.87 7.29
C ARG A 508 13.01 -23.64 8.63
N ARG A 509 12.84 -24.70 9.42
CA ARG A 509 12.21 -24.54 10.72
C ARG A 509 13.06 -23.70 11.65
N ALA A 510 14.35 -23.59 11.38
CA ALA A 510 15.24 -22.74 12.16
C ALA A 510 15.37 -21.33 11.59
N MET A 511 14.61 -21.01 10.54
CA MET A 511 14.63 -19.67 9.96
C MET A 511 13.54 -18.81 10.58
N PRO A 512 13.79 -17.51 10.74
CA PRO A 512 12.70 -16.58 11.01
C PRO A 512 11.83 -16.40 9.78
N PHE A 513 10.60 -15.94 10.00
CA PHE A 513 9.56 -15.92 8.96
C PHE A 513 9.07 -14.52 8.69
N VAL A 514 9.02 -14.12 7.43
CA VAL A 514 8.53 -12.81 7.06
C VAL A 514 7.43 -12.94 6.01
N LEU A 515 6.42 -12.10 6.09
CA LEU A 515 5.44 -11.94 5.01
C LEU A 515 5.92 -10.81 4.12
N CYS A 516 6.48 -11.16 2.96
CA CYS A 516 6.98 -10.13 2.09
C CYS A 516 5.86 -9.35 1.44
N GLU A 517 4.66 -9.93 1.35
CA GLU A 517 3.45 -9.24 0.91
C GLU A 517 2.31 -9.80 1.74
N TYR A 518 1.48 -8.94 2.29
CA TYR A 518 0.28 -9.39 3.00
C TYR A 518 -0.73 -8.24 3.04
N VAL A 519 -1.92 -8.56 3.56
CA VAL A 519 -3.10 -7.69 3.66
C VAL A 519 -3.22 -6.78 2.44
N HIS A 520 -3.41 -7.41 1.31
CA HIS A 520 -3.57 -6.75 0.02
C HIS A 520 -4.54 -5.59 0.11
N ALA A 521 -4.07 -4.41 -0.23
CA ALA A 521 -4.74 -3.16 0.12
C ALA A 521 -5.57 -2.61 -1.03
N MET A 522 -6.19 -3.47 -1.83
CA MET A 522 -6.95 -3.02 -2.97
C MET A 522 -8.38 -2.60 -2.58
N GLY A 523 -8.74 -1.37 -2.92
CA GLY A 523 -10.12 -0.91 -2.72
C GLY A 523 -10.47 -0.81 -1.25
N ASN A 524 -11.75 -1.02 -0.95
CA ASN A 524 -12.21 -1.01 0.43
C ASN A 524 -11.53 -2.12 1.21
N GLY A 525 -10.65 -1.76 2.15
CA GLY A 525 -9.88 -2.68 2.93
C GLY A 525 -8.55 -2.04 3.29
N PRO A 526 -7.57 -2.84 3.72
CA PRO A 526 -7.65 -4.29 3.87
C PRO A 526 -8.21 -4.69 5.24
N GLY A 527 -9.02 -5.75 5.24
CA GLY A 527 -9.50 -6.32 6.48
C GLY A 527 -8.57 -7.39 7.01
N GLY A 528 -8.69 -7.67 8.31
CA GLY A 528 -7.92 -8.69 8.94
C GLY A 528 -6.51 -8.30 9.35
N MET A 529 -6.18 -7.02 9.37
CA MET A 529 -4.83 -6.61 9.74
C MET A 529 -4.53 -6.88 11.21
N SER A 530 -5.54 -6.72 12.08
CA SER A 530 -5.27 -6.87 13.51
C SER A 530 -4.88 -8.30 13.84
N GLU A 531 -5.50 -9.27 13.17
CA GLU A 531 -5.24 -10.66 13.49
C GLU A 531 -3.81 -11.06 13.16
N TYR A 532 -3.26 -10.57 12.04
CA TYR A 532 -1.84 -10.77 11.78
C TYR A 532 -0.98 -10.09 12.85
N GLN A 533 -1.33 -8.84 13.20
CA GLN A 533 -0.45 -8.06 14.06
C GLN A 533 -0.33 -8.72 15.43
N ALA A 534 -1.43 -9.24 15.95
CA ALA A 534 -1.38 -9.93 17.23
C ALA A 534 -0.39 -11.10 17.18
N LEU A 535 -0.31 -11.80 16.04
CA LEU A 535 0.64 -12.90 15.93
C LEU A 535 2.07 -12.38 15.89
N PHE A 536 2.30 -11.34 15.08
CA PHE A 536 3.64 -10.72 15.03
C PHE A 536 4.13 -10.37 16.42
N GLU A 537 3.23 -9.90 17.29
CA GLU A 537 3.65 -9.48 18.62
C GLU A 537 3.87 -10.67 19.53
N LYS A 538 3.17 -11.75 19.31
CA LYS A 538 3.21 -12.91 20.20
C LYS A 538 4.41 -13.82 19.92
N TYR A 539 4.79 -14.00 18.65
CA TYR A 539 5.71 -15.05 18.28
C TYR A 539 7.03 -14.47 17.79
N PRO A 540 8.13 -14.72 18.49
CA PRO A 540 9.42 -14.15 18.07
C PRO A 540 9.88 -14.60 16.70
N ARG A 541 9.54 -15.80 16.26
CA ARG A 541 9.94 -16.23 14.92
C ARG A 541 9.33 -15.35 13.85
N LEU A 542 8.24 -14.67 14.12
CA LEU A 542 7.59 -13.84 13.11
C LEU A 542 8.27 -12.49 13.04
N MET A 543 8.83 -12.17 11.87
CA MET A 543 9.55 -10.91 11.66
C MET A 543 8.62 -9.75 11.42
N GLY A 544 7.37 -10.03 11.07
CA GLY A 544 6.46 -8.99 10.62
C GLY A 544 6.09 -9.15 9.16
N GLY A 545 5.72 -8.02 8.54
CA GLY A 545 5.23 -8.09 7.18
C GLY A 545 5.20 -6.76 6.47
N PHE A 546 5.13 -6.86 5.15
CA PHE A 546 5.12 -5.72 4.25
C PHE A 546 3.80 -5.70 3.50
N VAL A 547 3.01 -4.66 3.72
CA VAL A 547 1.72 -4.55 3.06
C VAL A 547 1.93 -4.47 1.55
N TRP A 548 1.04 -5.13 0.82
CA TRP A 548 0.96 -4.96 -0.63
C TRP A 548 -0.23 -4.03 -0.89
N GLU A 549 0.02 -2.81 -1.36
CA GLU A 549 1.32 -2.16 -1.51
C GLU A 549 1.19 -0.70 -1.10
N TRP A 550 2.32 -0.01 -1.07
CA TRP A 550 2.29 1.41 -0.70
C TRP A 550 1.37 2.22 -1.60
N LEU A 551 1.58 2.17 -2.91
CA LEU A 551 0.84 3.08 -3.78
C LEU A 551 0.01 2.39 -4.85
N GLU A 552 -1.10 3.06 -5.17
CA GLU A 552 -1.87 2.76 -6.36
C GLU A 552 -1.12 3.31 -7.57
N HIS A 553 -1.02 2.53 -8.63
CA HIS A 553 -0.38 3.03 -9.86
C HIS A 553 -1.39 3.70 -10.79
N GLY A 554 -2.31 4.52 -10.29
CA GLY A 554 -3.19 5.23 -11.18
C GLY A 554 -2.41 6.14 -12.11
N ILE A 555 -2.97 6.33 -13.31
CA ILE A 555 -2.41 7.26 -14.29
C ILE A 555 -3.45 8.33 -14.56
N THR A 556 -3.07 9.58 -14.33
CA THR A 556 -4.00 10.69 -14.51
C THR A 556 -4.48 10.75 -15.96
N VAL A 557 -5.78 10.84 -16.11
CA VAL A 557 -6.45 10.99 -17.44
C VAL A 557 -7.45 12.14 -17.36
N SER A 558 -7.87 12.65 -18.52
CA SER A 558 -8.82 13.78 -18.61
C SER A 558 -10.12 13.33 -19.29
N THR A 559 -11.25 13.78 -18.74
CA THR A 559 -12.58 13.53 -19.36
C THR A 559 -12.87 14.71 -20.33
N ALA A 560 -14.10 14.78 -20.83
CA ALA A 560 -14.58 15.80 -21.81
C ALA A 560 -14.50 17.23 -21.29
N ASP A 561 -14.94 17.48 -20.04
CA ASP A 561 -14.91 18.87 -19.50
C ASP A 561 -13.58 19.11 -18.82
N GLY A 562 -12.59 18.26 -19.07
CA GLY A 562 -11.29 18.45 -18.41
C GLY A 562 -11.37 18.04 -16.96
N VAL A 563 -12.30 17.14 -16.64
CA VAL A 563 -12.33 16.57 -15.26
C VAL A 563 -11.15 15.61 -15.19
N ASP A 564 -10.48 15.52 -14.05
CA ASP A 564 -9.30 14.62 -13.94
C ASP A 564 -9.66 13.41 -13.11
N HIS A 565 -9.22 12.22 -13.52
CA HIS A 565 -9.44 11.02 -12.75
C HIS A 565 -8.30 10.06 -13.08
N TYR A 566 -8.16 9.02 -12.27
CA TYR A 566 -7.12 8.03 -12.53
C TYR A 566 -7.64 6.95 -13.48
N GLY A 567 -6.81 6.55 -14.43
CA GLY A 567 -7.06 5.39 -15.24
C GLY A 567 -6.28 4.17 -14.76
N TYR A 568 -6.69 3.00 -15.23
CA TYR A 568 -6.02 1.75 -14.87
C TYR A 568 -6.00 0.83 -16.10
N GLY A 569 -5.71 -0.44 -15.88
CA GLY A 569 -5.59 -1.41 -16.96
C GLY A 569 -6.78 -1.41 -17.88
N GLY A 570 -6.54 -1.37 -19.19
CA GLY A 570 -7.60 -1.34 -20.18
C GLY A 570 -8.06 0.04 -20.58
N ASP A 571 -7.77 1.06 -19.78
CA ASP A 571 -8.12 2.44 -20.11
C ASP A 571 -7.23 3.03 -21.20
N PHE A 572 -6.23 2.29 -21.67
CA PHE A 572 -5.28 2.80 -22.66
C PHE A 572 -5.24 1.91 -23.89
N GLY A 573 -6.34 1.20 -24.15
CA GLY A 573 -6.45 0.46 -25.38
C GLY A 573 -5.76 -0.88 -25.38
N GLU A 574 -5.29 -1.36 -24.24
CA GLU A 574 -4.58 -2.63 -24.23
C GLU A 574 -5.47 -3.75 -24.74
N GLU A 575 -4.86 -4.62 -25.55
CA GLU A 575 -5.46 -5.87 -25.96
C GLU A 575 -5.56 -6.87 -24.81
N VAL A 576 -4.54 -6.96 -23.97
CA VAL A 576 -4.59 -7.77 -22.76
C VAL A 576 -4.13 -6.91 -21.60
N HIS A 577 -4.85 -7.02 -20.49
CA HIS A 577 -4.60 -6.17 -19.35
C HIS A 577 -5.26 -6.82 -18.14
N ASP A 578 -5.00 -6.23 -16.98
CA ASP A 578 -5.57 -6.74 -15.75
C ASP A 578 -6.35 -5.66 -14.98
N GLY A 579 -6.89 -4.68 -15.69
CA GLY A 579 -7.91 -3.82 -15.10
C GLY A 579 -7.39 -3.02 -13.93
N ASN A 580 -8.19 -2.90 -12.87
CA ASN A 580 -7.83 -2.03 -11.77
C ASN A 580 -6.96 -2.73 -10.72
N PHE A 581 -6.35 -3.86 -11.06
CA PHE A 581 -5.46 -4.55 -10.12
C PHE A 581 -4.19 -3.76 -9.88
N VAL A 582 -3.94 -2.74 -10.67
CA VAL A 582 -2.75 -1.87 -10.49
C VAL A 582 -3.10 -0.78 -9.47
N THR A 583 -4.38 -0.57 -9.17
CA THR A 583 -4.76 0.38 -8.14
C THR A 583 -5.13 -0.40 -6.87
N ASP A 584 -4.08 -0.74 -6.11
CA ASP A 584 -4.15 -1.68 -4.98
C ASP A 584 -3.31 -1.20 -3.80
N GLY A 585 -3.32 0.10 -3.53
CA GLY A 585 -2.39 0.71 -2.60
C GLY A 585 -3.04 1.36 -1.39
N LEU A 586 -2.19 1.62 -0.38
CA LEU A 586 -2.54 2.37 0.84
C LEU A 586 -2.69 3.86 0.58
N VAL A 587 -2.09 4.38 -0.50
CA VAL A 587 -2.21 5.77 -0.90
C VAL A 587 -2.52 5.81 -2.39
N ASP A 588 -3.16 6.89 -2.83
CA ASP A 588 -3.40 6.98 -4.26
C ASP A 588 -2.09 7.41 -4.93
N ALA A 589 -2.12 7.53 -6.26
CA ALA A 589 -0.89 7.81 -7.01
C ALA A 589 -0.33 9.18 -6.69
N ASP A 590 -1.14 10.08 -6.14
CA ASP A 590 -0.68 11.39 -5.69
C ASP A 590 -0.40 11.39 -4.19
N ARG A 591 -0.29 10.22 -3.59
CA ARG A 591 0.11 10.02 -2.20
C ARG A 591 -0.93 10.50 -1.20
N ARG A 592 -2.21 10.58 -1.61
CA ARG A 592 -3.29 10.85 -0.67
C ARG A 592 -3.68 9.55 0.06
N PRO A 593 -3.70 9.54 1.40
CA PRO A 593 -4.01 8.33 2.08
C PRO A 593 -5.37 7.73 1.79
N ARG A 594 -5.41 6.44 1.51
CA ARG A 594 -6.66 5.70 1.59
C ARG A 594 -6.97 5.36 3.04
N PRO A 595 -8.23 5.09 3.35
CA PRO A 595 -8.58 4.65 4.72
C PRO A 595 -7.71 3.52 5.22
N GLY A 596 -7.30 2.58 4.33
CA GLY A 596 -6.45 1.50 4.76
C GLY A 596 -5.15 1.97 5.41
N LEU A 597 -4.60 3.10 4.95
CA LEU A 597 -3.38 3.60 5.58
C LEU A 597 -3.66 4.15 6.96
N LEU A 598 -4.78 4.84 7.14
CA LEU A 598 -5.14 5.36 8.45
C LEU A 598 -5.35 4.22 9.44
N ASP A 599 -5.94 3.10 8.98
CA ASP A 599 -6.09 1.94 9.84
C ASP A 599 -4.74 1.27 10.12
N PHE A 600 -3.92 1.10 9.08
CA PHE A 600 -2.61 0.47 9.24
C PHE A 600 -1.73 1.24 10.22
N LYS A 601 -1.72 2.57 10.14
CA LYS A 601 -0.95 3.35 11.09
C LYS A 601 -1.24 2.93 12.52
N LYS A 602 -2.52 2.74 12.81
CA LYS A 602 -2.96 2.37 14.15
C LYS A 602 -2.57 0.93 14.47
N VAL A 603 -2.77 0.01 13.54
CA VAL A 603 -2.45 -1.39 13.76
C VAL A 603 -0.97 -1.55 14.17
N ILE A 604 -0.08 -0.84 13.48
CA ILE A 604 1.37 -0.99 13.75
C ILE A 604 1.90 0.08 14.71
N GLU A 605 1.03 0.79 15.44
CA GLU A 605 1.53 1.85 16.31
C GLU A 605 2.56 1.28 17.29
N PRO A 606 3.68 1.98 17.52
CA PRO A 606 4.78 1.39 18.28
C PRO A 606 4.65 1.46 19.80
N LEU A 607 3.58 2.10 20.30
CA LEU A 607 3.24 2.14 21.72
C LEU A 607 1.82 1.64 21.88
N ARG A 608 1.57 0.95 22.98
CA ARG A 608 0.23 0.50 23.34
C ARG A 608 -0.20 1.28 24.57
N ILE A 609 -1.35 1.94 24.47
CA ILE A 609 -1.91 2.79 25.52
C ILE A 609 -3.28 2.23 25.86
N ASP A 610 -3.41 1.64 27.04
CA ASP A 610 -4.66 1.04 27.49
C ASP A 610 -5.20 1.90 28.63
N VAL A 611 -6.27 2.63 28.36
CA VAL A 611 -6.81 3.60 29.31
C VAL A 611 -7.72 2.88 30.30
N ALA A 612 -7.53 3.17 31.59
CA ALA A 612 -8.32 2.56 32.63
C ALA A 612 -9.80 2.92 32.51
N ARG A 613 -10.66 1.93 32.74
CA ARG A 613 -12.10 2.17 32.71
C ARG A 613 -12.51 3.29 33.66
N ASP A 614 -11.87 3.37 34.82
CA ASP A 614 -12.24 4.40 35.79
C ASP A 614 -11.51 5.73 35.57
N TRP A 615 -10.73 5.84 34.50
CA TRP A 615 -10.10 7.09 34.08
C TRP A 615 -9.04 7.57 35.06
N THR A 616 -8.50 6.66 35.88
CA THR A 616 -7.47 7.05 36.84
C THR A 616 -6.08 7.03 36.23
N GLY A 617 -5.92 6.38 35.07
CA GLY A 617 -4.61 6.26 34.48
C GLY A 617 -4.66 5.38 33.25
N PHE A 618 -3.46 5.03 32.78
CA PHE A 618 -3.34 4.20 31.59
C PHE A 618 -2.12 3.33 31.71
N THR A 619 -2.20 2.16 31.13
CA THR A 619 -1.05 1.28 30.98
C THR A 619 -0.36 1.62 29.67
N LEU A 620 0.98 1.61 29.71
CA LEU A 620 1.77 2.04 28.58
C LEU A 620 2.81 0.97 28.29
N ARG A 621 2.75 0.39 27.11
CA ARG A 621 3.77 -0.54 26.68
C ARG A 621 4.57 0.09 25.54
N ASN A 622 5.89 0.08 25.69
CA ASN A 622 6.77 0.55 24.63
C ASN A 622 7.07 -0.65 23.73
N GLY A 623 6.52 -0.64 22.52
CA GLY A 623 6.70 -1.71 21.57
C GLY A 623 7.89 -1.54 20.64
N GLN A 624 8.63 -0.45 20.78
CA GLN A 624 9.83 -0.27 19.95
C GLN A 624 10.88 -1.28 20.34
N ASP A 625 11.86 -1.47 19.45
CA ASP A 625 12.91 -2.43 19.69
C ASP A 625 14.14 -1.79 20.35
N PHE A 626 14.37 -0.50 20.09
CA PHE A 626 15.59 0.15 20.57
C PHE A 626 15.33 1.43 21.36
N ALA A 627 14.42 2.27 20.90
CA ALA A 627 14.21 3.55 21.55
C ALA A 627 13.32 3.42 22.79
N ASP A 628 13.56 4.31 23.76
CA ASP A 628 12.65 4.46 24.90
C ASP A 628 11.54 5.40 24.50
N THR A 629 10.78 5.92 25.47
CA THR A 629 9.63 6.79 25.16
C THR A 629 9.96 8.27 25.30
N SER A 630 11.25 8.64 25.40
CA SER A 630 11.60 10.04 25.69
C SER A 630 11.27 10.97 24.52
N ALA A 631 11.09 10.47 23.31
CA ALA A 631 10.74 11.38 22.21
C ALA A 631 9.28 11.86 22.25
N PHE A 632 8.47 11.31 23.13
CA PHE A 632 7.04 11.53 23.10
C PHE A 632 6.60 12.43 24.25
N SER A 633 5.55 13.19 23.98
CA SER A 633 4.78 13.90 24.98
C SER A 633 3.45 13.19 25.12
N PHE A 634 3.03 12.95 26.35
CA PHE A 634 1.82 12.19 26.62
C PHE A 634 0.71 13.16 27.01
N ARG A 635 -0.37 13.18 26.23
CA ARG A 635 -1.44 14.16 26.36
C ARG A 635 -2.73 13.43 26.64
N TYR A 636 -3.61 14.06 27.40
CA TYR A 636 -4.94 13.53 27.63
C TYR A 636 -5.94 14.60 27.26
N GLU A 637 -7.11 14.16 26.80
CA GLU A 637 -8.23 15.07 26.65
C GLU A 637 -9.52 14.32 26.95
N VAL A 638 -10.42 15.01 27.62
CA VAL A 638 -11.78 14.55 27.84
C VAL A 638 -12.69 15.39 26.95
N GLU A 639 -13.49 14.72 26.13
CA GLU A 639 -14.43 15.42 25.26
C GLU A 639 -15.86 14.96 25.54
N ALA A 640 -16.80 15.90 25.41
CA ALA A 640 -18.22 15.61 25.54
C ALA A 640 -18.97 16.27 24.38
N ASP A 641 -20.31 16.14 24.41
CA ASP A 641 -21.13 16.71 23.34
C ASP A 641 -20.80 18.16 23.07
N GLY A 642 -20.63 18.96 24.12
CA GLY A 642 -20.30 20.36 23.97
C GLY A 642 -18.84 20.68 23.68
N GLY A 643 -18.00 19.66 23.51
CA GLY A 643 -16.60 19.87 23.23
C GLY A 643 -15.71 19.41 24.36
N ALA A 644 -14.49 19.94 24.37
CA ALA A 644 -13.46 19.50 25.30
C ALA A 644 -13.78 19.98 26.71
N LEU A 645 -13.67 19.08 27.68
CA LEU A 645 -13.96 19.42 29.06
C LEU A 645 -12.71 19.55 29.91
N ASP A 646 -11.62 18.91 29.51
CA ASP A 646 -10.39 18.89 30.30
C ASP A 646 -9.31 18.34 29.41
N GLY A 647 -8.09 18.77 29.66
CA GLY A 647 -6.99 18.23 28.88
C GLY A 647 -5.68 18.68 29.49
N GLY A 648 -4.60 18.05 29.06
CA GLY A 648 -3.29 18.41 29.57
C GLY A 648 -2.26 17.38 29.18
N THR A 649 -1.10 17.50 29.81
CA THR A 649 -0.01 16.55 29.59
C THR A 649 0.34 15.90 30.91
N VAL A 650 1.03 14.78 30.82
CA VAL A 650 1.45 14.08 32.02
C VAL A 650 2.89 13.60 31.82
N ASP A 651 3.65 13.63 32.89
CA ASP A 651 5.05 13.22 32.86
C ASP A 651 5.15 11.70 32.96
N VAL A 652 5.88 11.10 32.04
CA VAL A 652 6.08 9.65 31.99
C VAL A 652 7.58 9.40 32.04
N ALA A 653 8.07 8.79 33.13
CA ALA A 653 9.48 8.40 33.16
C ALA A 653 9.76 7.48 31.97
N PRO A 654 10.90 7.64 31.28
CA PRO A 654 11.10 6.90 30.02
C PRO A 654 10.95 5.40 30.20
N VAL A 655 10.14 4.79 29.34
CA VAL A 655 9.90 3.37 29.38
C VAL A 655 10.85 2.69 28.40
N ALA A 656 11.57 1.68 28.88
CA ALA A 656 12.53 0.99 28.01
C ALA A 656 11.80 0.22 26.89
N PRO A 657 12.47 -0.04 25.77
CA PRO A 657 11.84 -0.85 24.73
C PRO A 657 11.43 -2.20 25.29
N GLN A 658 10.22 -2.65 24.89
CA GLN A 658 9.64 -3.92 25.29
C GLN A 658 9.26 -3.97 26.75
N SER A 659 9.16 -2.82 27.40
CA SER A 659 8.74 -2.76 28.78
C SER A 659 7.41 -2.03 28.88
N GLU A 660 6.85 -2.02 30.08
CA GLU A 660 5.57 -1.33 30.25
C GLU A 660 5.51 -0.72 31.64
N THR A 661 4.55 0.18 31.82
CA THR A 661 4.38 0.82 33.10
C THR A 661 2.91 1.25 33.20
N VAL A 662 2.53 1.72 34.38
CA VAL A 662 1.19 2.27 34.60
C VAL A 662 1.37 3.73 34.95
N VAL A 663 0.63 4.59 34.24
CA VAL A 663 0.75 6.03 34.38
C VAL A 663 -0.54 6.55 34.98
N GLU A 664 -0.42 7.29 36.05
CA GLU A 664 -1.56 7.90 36.71
C GLU A 664 -1.92 9.18 35.98
N LEU A 665 -3.24 9.40 35.76
CA LEU A 665 -3.71 10.66 35.23
C LEU A 665 -4.03 11.64 36.36
N PRO A 666 -4.01 12.94 36.08
CA PRO A 666 -4.38 13.90 37.10
C PRO A 666 -5.76 13.58 37.64
N GLY A 667 -5.97 13.91 38.92
CA GLY A 667 -7.22 13.59 39.58
C GLY A 667 -8.44 14.23 38.95
N SER A 668 -8.28 15.40 38.34
CA SER A 668 -9.42 16.07 37.70
C SER A 668 -10.11 15.15 36.69
N VAL A 669 -9.37 14.28 36.03
CA VAL A 669 -9.92 13.46 34.95
C VAL A 669 -10.90 12.43 35.52
N ALA A 670 -10.44 11.66 36.50
CA ALA A 670 -11.29 10.65 37.17
C ALA A 670 -12.47 11.35 37.86
N ALA A 671 -12.22 12.54 38.43
CA ALA A 671 -13.29 13.29 39.13
C ALA A 671 -14.37 13.65 38.12
N LEU A 672 -13.97 14.05 36.93
CA LEU A 672 -14.92 14.37 35.84
C LEU A 672 -15.70 13.09 35.51
N ALA A 673 -15.04 11.93 35.46
CA ALA A 673 -15.72 10.65 35.18
C ALA A 673 -16.71 10.34 36.31
N ALA A 674 -16.30 10.54 37.56
CA ALA A 674 -17.17 10.25 38.73
C ALA A 674 -18.40 11.13 38.73
N GLY A 675 -18.27 12.38 38.31
CA GLY A 675 -19.40 13.32 38.35
C GLY A 675 -20.33 13.18 37.17
N LEU A 676 -19.99 12.36 36.18
CA LEU A 676 -20.84 12.29 34.98
C LEU A 676 -22.21 11.72 35.32
N SER A 677 -23.26 12.41 34.88
CA SER A 677 -24.66 11.96 35.05
C SER A 677 -24.82 10.73 34.17
N ASP A 678 -25.58 9.73 34.61
CA ASP A 678 -25.67 8.49 33.80
C ASP A 678 -26.28 8.74 32.42
N GLY A 679 -25.73 8.04 31.43
CA GLY A 679 -26.19 8.12 30.02
C GLY A 679 -25.59 9.28 29.25
N ARG A 680 -24.78 10.12 29.90
CA ARG A 680 -24.15 11.20 29.15
C ARG A 680 -22.84 10.70 28.52
N PRO A 681 -22.70 10.74 27.20
CA PRO A 681 -21.46 10.21 26.59
C PRO A 681 -20.27 11.13 26.82
N ALA A 682 -19.12 10.52 27.04
CA ALA A 682 -17.88 11.27 27.20
C ALA A 682 -16.74 10.35 26.82
N VAL A 683 -15.67 10.92 26.27
CA VAL A 683 -14.57 10.15 25.71
C VAL A 683 -13.28 10.69 26.28
N LEU A 684 -12.49 9.82 26.91
CA LEU A 684 -11.13 10.16 27.36
C LEU A 684 -10.15 9.56 26.35
N THR A 685 -9.32 10.41 25.77
CA THR A 685 -8.28 10.00 24.82
C THR A 685 -6.92 10.33 25.40
N VAL A 686 -6.02 9.36 25.43
CA VAL A 686 -4.63 9.57 25.80
C VAL A 686 -3.80 9.37 24.54
N ARG A 687 -2.90 10.31 24.26
CA ARG A 687 -2.17 10.32 23.00
C ARG A 687 -0.69 10.48 23.27
N ALA A 688 0.11 9.80 22.47
CA ALA A 688 1.55 9.97 22.47
C ALA A 688 1.89 10.73 21.21
N VAL A 689 2.43 11.93 21.36
CA VAL A 689 2.82 12.76 20.22
C VAL A 689 4.30 13.08 20.29
N LEU A 690 4.87 13.52 19.17
CA LEU A 690 6.26 13.97 19.17
C LEU A 690 6.39 15.21 20.04
N GLY A 691 7.28 15.13 21.03
CA GLY A 691 7.57 16.28 21.85
C GLY A 691 8.38 17.35 21.14
N ALA A 692 9.09 16.98 20.09
CA ALA A 692 9.90 17.93 19.32
C ALA A 692 9.88 17.53 17.87
N ASP A 693 10.18 18.49 17.00
CA ASP A 693 10.34 18.18 15.58
C ASP A 693 11.32 17.04 15.37
N SER A 694 10.98 16.14 14.47
CA SER A 694 11.90 15.14 13.98
C SER A 694 12.23 15.45 12.52
N ALA A 695 13.03 14.57 11.91
CA ALA A 695 13.34 14.71 10.50
C ALA A 695 12.11 14.49 9.61
N TRP A 696 11.08 13.84 10.14
CA TRP A 696 9.98 13.35 9.31
C TRP A 696 8.62 13.91 9.71
N ALA A 697 8.54 14.71 10.78
CA ALA A 697 7.29 15.33 11.19
C ALA A 697 7.58 16.39 12.24
N ASP A 698 6.58 17.22 12.51
CA ASP A 698 6.71 18.30 13.47
C ASP A 698 6.25 17.86 14.86
N ALA A 699 6.70 18.61 15.87
CA ALA A 699 6.24 18.40 17.23
C ALA A 699 4.71 18.38 17.26
N GLY A 700 4.15 17.48 18.07
CA GLY A 700 2.71 17.31 18.12
C GLY A 700 2.19 16.27 17.17
N HIS A 701 3.00 15.78 16.25
CA HIS A 701 2.57 14.69 15.41
C HIS A 701 2.18 13.48 16.26
N GLU A 702 1.02 12.92 15.97
CA GLU A 702 0.50 11.83 16.78
C GLU A 702 1.07 10.49 16.31
N VAL A 703 1.58 9.72 17.26
CA VAL A 703 2.17 8.41 17.00
C VAL A 703 1.27 7.27 17.49
N ALA A 704 0.71 7.39 18.70
CA ALA A 704 -0.10 6.33 19.28
C ALA A 704 -1.22 6.94 20.12
N TRP A 705 -2.26 6.16 20.37
CA TRP A 705 -3.34 6.66 21.19
C TRP A 705 -4.14 5.51 21.78
N GLY A 706 -4.90 5.85 22.84
CA GLY A 706 -5.85 4.93 23.43
C GLY A 706 -7.00 5.71 24.04
N GLN A 707 -8.14 5.05 24.20
CA GLN A 707 -9.35 5.73 24.67
C GLN A 707 -10.10 4.89 25.68
N SER A 708 -10.88 5.57 26.51
CA SER A 708 -11.94 4.96 27.30
C SER A 708 -13.20 5.77 27.11
N VAL A 709 -14.31 5.11 26.77
CA VAL A 709 -15.55 5.77 26.40
C VAL A 709 -16.60 5.46 27.46
N ARG A 710 -17.27 6.51 27.94
CA ARG A 710 -18.49 6.35 28.72
C ARG A 710 -19.64 6.42 27.73
N GLU A 711 -20.26 5.27 27.48
CA GLU A 711 -21.20 5.15 26.40
C GLU A 711 -22.51 5.85 26.73
N PRO A 712 -23.22 6.38 25.73
CA PRO A 712 -24.57 6.87 25.97
C PRO A 712 -25.52 5.71 26.24
N GLY A 713 -26.48 5.94 27.11
CA GLY A 713 -27.50 4.94 27.35
C GLY A 713 -28.29 4.62 26.10
N ALA A 714 -28.93 3.46 26.10
CA ALA A 714 -29.74 3.10 24.92
C ALA A 714 -30.80 4.18 24.79
N PRO A 715 -31.21 4.57 23.57
CA PRO A 715 -32.22 5.60 23.39
C PRO A 715 -33.53 4.97 23.88
N VAL A 716 -34.34 5.72 24.59
CA VAL A 716 -35.58 5.09 25.12
C VAL A 716 -36.69 5.36 24.11
N PRO A 717 -37.40 4.32 23.63
CA PRO A 717 -38.42 4.51 22.62
C PRO A 717 -39.54 5.39 23.19
N PRO A 718 -40.11 6.32 22.42
CA PRO A 718 -41.15 7.21 22.91
C PRO A 718 -42.46 6.52 23.25
N ALA A 719 -43.22 7.12 24.16
CA ALA A 719 -44.53 6.55 24.55
C ALA A 719 -45.42 6.60 23.31
N PRO A 720 -46.13 5.52 22.97
CA PRO A 720 -47.00 5.52 21.78
C PRO A 720 -48.36 6.09 22.13
N VAL A 721 -48.39 7.41 22.32
CA VAL A 721 -49.58 8.11 22.76
C VAL A 721 -50.29 8.81 21.62
N GLU A 722 -49.68 8.87 20.42
CA GLU A 722 -50.40 9.36 19.27
C GLU A 722 -51.13 8.21 18.59
N PRO A 723 -52.35 8.44 18.12
CA PRO A 723 -53.08 7.43 17.36
C PRO A 723 -52.79 7.58 15.87
N VAL A 724 -53.24 6.59 15.11
CA VAL A 724 -53.13 6.64 13.66
C VAL A 724 -54.31 7.40 13.09
N GLN A 725 -54.02 8.45 12.31
CA GLN A 725 -55.04 9.20 11.59
C GLN A 725 -55.18 8.62 10.20
N VAL A 726 -56.40 8.22 9.83
CA VAL A 726 -56.62 7.50 8.58
C VAL A 726 -57.30 8.43 7.57
N GLN A 727 -56.69 8.57 6.41
CA GLN A 727 -57.32 9.23 5.28
C GLN A 727 -57.47 8.25 4.13
N ASP A 728 -58.07 8.75 3.04
CA ASP A 728 -58.33 7.88 1.91
C ASP A 728 -57.08 7.13 1.48
N SER A 729 -56.02 7.85 1.15
CA SER A 729 -54.81 7.25 0.58
C SER A 729 -53.60 7.32 1.49
N GLU A 730 -53.68 8.05 2.60
CA GLU A 730 -52.56 8.25 3.49
C GLU A 730 -52.97 7.92 4.92
N LEU A 731 -51.96 7.64 5.73
CA LEU A 731 -52.10 7.55 7.17
C LEU A 731 -51.13 8.53 7.80
N THR A 732 -51.51 9.08 8.95
CA THR A 732 -50.60 9.94 9.69
C THR A 732 -50.45 9.41 11.10
N LEU A 733 -49.21 9.40 11.59
CA LEU A 733 -48.94 9.00 12.97
C LEU A 733 -47.93 10.01 13.49
N GLY A 734 -48.42 10.99 14.27
CA GLY A 734 -47.61 12.10 14.68
C GLY A 734 -46.97 12.76 13.48
N PRO A 735 -45.63 12.83 13.46
CA PRO A 735 -44.94 13.53 12.37
C PRO A 735 -44.69 12.73 11.09
N VAL A 736 -45.14 11.49 10.99
CA VAL A 736 -44.83 10.66 9.82
CA VAL A 736 -44.84 10.63 9.84
C VAL A 736 -46.11 10.43 9.04
N VAL A 737 -46.03 10.60 7.73
CA VAL A 737 -47.12 10.34 6.81
C VAL A 737 -46.77 9.05 6.07
N PHE A 738 -47.75 8.18 5.90
CA PHE A 738 -47.55 6.92 5.18
C PHE A 738 -48.45 6.85 3.95
N SER A 739 -47.97 6.14 2.93
CA SER A 739 -48.82 5.71 1.84
C SER A 739 -49.60 4.47 2.26
N ARG A 740 -50.94 4.50 2.11
CA ARG A 740 -51.73 3.29 2.37
C ARG A 740 -51.54 2.23 1.29
N ALA A 741 -51.04 2.63 0.12
CA ALA A 741 -50.78 1.67 -0.93
C ALA A 741 -49.49 0.90 -0.71
N THR A 742 -48.45 1.54 -0.14
CA THR A 742 -47.18 0.87 0.07
C THR A 742 -46.88 0.55 1.51
N GLY A 743 -47.47 1.26 2.46
CA GLY A 743 -47.05 1.14 3.84
C GLY A 743 -45.76 1.83 4.16
N MET A 744 -45.13 2.47 3.19
CA MET A 744 -43.89 3.18 3.48
C MET A 744 -44.18 4.62 3.90
N PRO A 745 -43.34 5.20 4.72
CA PRO A 745 -43.49 6.62 5.01
C PRO A 745 -43.25 7.43 3.75
N THR A 746 -44.03 8.49 3.57
CA THR A 746 -43.80 9.44 2.50
C THR A 746 -43.24 10.77 3.00
N SER A 747 -43.29 11.04 4.29
CA SER A 747 -42.58 12.18 4.86
C SER A 747 -42.42 11.93 6.35
N ILE A 748 -41.32 12.45 6.90
CA ILE A 748 -41.06 12.39 8.33
C ILE A 748 -40.77 13.81 8.78
N GLY A 749 -41.66 14.38 9.59
CA GLY A 749 -41.52 15.76 10.01
C GLY A 749 -41.32 16.72 8.87
N GLY A 750 -41.96 16.47 7.72
CA GLY A 750 -41.81 17.30 6.55
C GLY A 750 -40.71 16.86 5.60
N VAL A 751 -39.76 16.05 6.06
CA VAL A 751 -38.70 15.59 5.18
C VAL A 751 -39.28 14.55 4.23
N PRO A 752 -39.23 14.77 2.92
CA PRO A 752 -39.89 13.85 1.99
C PRO A 752 -39.13 12.53 1.92
N VAL A 753 -39.86 11.44 2.08
CA VAL A 753 -39.30 10.10 1.97
C VAL A 753 -39.81 9.50 0.68
N GLU A 754 -38.90 9.15 -0.23
CA GLU A 754 -39.28 8.54 -1.50
C GLU A 754 -39.35 7.03 -1.40
N LYS A 755 -38.56 6.43 -0.52
CA LYS A 755 -38.56 4.98 -0.38
C LYS A 755 -37.98 4.59 0.99
N LEU A 756 -38.50 3.50 1.55
CA LEU A 756 -37.89 2.85 2.70
C LEU A 756 -37.96 1.34 2.50
N GLY A 757 -36.85 0.64 2.75
CA GLY A 757 -36.85 -0.80 2.59
C GLY A 757 -35.62 -1.43 3.20
N LEU A 758 -35.66 -2.76 3.22
CA LEU A 758 -34.54 -3.55 3.73
C LEU A 758 -33.41 -3.61 2.70
N THR A 759 -32.17 -3.61 3.21
CA THR A 759 -30.99 -3.88 2.40
C THR A 759 -30.30 -5.13 2.91
N LEU A 760 -29.76 -5.90 1.97
CA LEU A 760 -28.96 -7.08 2.25
C LEU A 760 -27.68 -7.09 1.43
N TRP A 761 -27.48 -6.10 0.56
CA TRP A 761 -26.43 -6.13 -0.45
C TRP A 761 -25.71 -4.79 -0.47
N TRP A 762 -24.50 -4.79 -1.00
CA TRP A 762 -23.78 -3.56 -1.26
C TRP A 762 -23.06 -3.67 -2.59
N ALA A 763 -22.66 -2.52 -3.15
CA ALA A 763 -21.94 -2.54 -4.40
C ALA A 763 -20.56 -3.21 -4.20
N PRO A 764 -20.29 -4.32 -4.88
CA PRO A 764 -19.10 -5.13 -4.57
C PRO A 764 -17.82 -4.34 -4.50
N THR A 765 -17.05 -4.59 -3.46
CA THR A 765 -15.68 -4.08 -3.38
C THR A 765 -14.77 -4.86 -4.32
N ASP A 766 -13.53 -4.38 -4.47
CA ASP A 766 -12.57 -5.16 -5.22
C ASP A 766 -12.39 -6.54 -4.62
N ASN A 767 -12.41 -6.63 -3.29
CA ASN A 767 -12.26 -7.95 -2.66
C ASN A 767 -13.42 -8.88 -2.99
N ASP A 768 -14.64 -8.35 -3.02
CA ASP A 768 -15.81 -9.16 -3.35
C ASP A 768 -15.78 -9.65 -4.79
N LEU A 769 -15.04 -8.99 -5.66
CA LEU A 769 -14.86 -9.49 -7.02
C LEU A 769 -13.79 -10.57 -7.13
N GLY A 770 -13.10 -10.93 -6.05
CA GLY A 770 -12.10 -11.99 -6.10
C GLY A 770 -12.68 -13.32 -5.67
N ARG A 771 -12.13 -14.39 -6.21
CA ARG A 771 -12.53 -15.75 -5.82
C ARG A 771 -12.00 -16.07 -4.45
N GLU A 772 -12.78 -16.81 -3.69
CA GLU A 772 -12.34 -17.41 -2.43
C GLU A 772 -12.18 -18.90 -2.67
N TRP A 773 -10.92 -19.31 -2.73
CA TRP A 773 -10.44 -20.66 -3.07
C TRP A 773 -10.74 -21.68 -1.96
N GLY A 774 -11.20 -21.20 -0.81
CA GLY A 774 -11.41 -22.03 0.39
C GLY A 774 -12.35 -23.21 0.26
N GLY A 775 -13.47 -23.10 -0.47
CA GLY A 775 -14.46 -24.20 -0.56
C GLY A 775 -14.74 -24.62 -1.98
N ALA A 776 -15.80 -25.42 -2.18
CA ALA A 776 -16.23 -25.90 -3.48
C ALA A 776 -16.97 -24.84 -4.28
N ASP A 777 -17.22 -23.68 -3.68
CA ASP A 777 -17.78 -22.55 -4.41
C ASP A 777 -16.64 -21.59 -4.65
N GLU A 778 -16.22 -21.47 -5.89
CA GLU A 778 -15.17 -20.51 -6.18
C GLU A 778 -15.70 -19.27 -6.88
N ARG A 779 -17.03 -19.10 -6.97
CA ARG A 779 -17.56 -17.84 -7.46
C ARG A 779 -17.13 -16.73 -6.52
N PRO A 780 -16.69 -15.58 -7.04
CA PRO A 780 -16.55 -14.39 -6.21
C PRO A 780 -17.85 -14.11 -5.47
N LEU A 781 -17.72 -13.49 -4.29
CA LEU A 781 -18.92 -13.10 -3.57
C LEU A 781 -19.86 -12.27 -4.43
N ALA A 782 -19.30 -11.34 -5.24
CA ALA A 782 -20.13 -10.51 -6.08
C ALA A 782 -21.00 -11.35 -7.01
N THR A 783 -20.42 -12.40 -7.56
CA THR A 783 -21.16 -13.27 -8.46
C THR A 783 -22.21 -14.09 -7.70
N GLN A 784 -21.84 -14.62 -6.52
CA GLN A 784 -22.81 -15.30 -5.67
C GLN A 784 -24.00 -14.39 -5.40
N TRP A 785 -23.73 -13.11 -5.13
CA TRP A 785 -24.83 -12.17 -4.88
C TRP A 785 -25.69 -11.98 -6.12
N LYS A 786 -25.06 -11.79 -7.28
CA LYS A 786 -25.82 -11.58 -8.52
C LYS A 786 -26.65 -12.80 -8.86
N ASP A 787 -26.06 -13.98 -8.78
CA ASP A 787 -26.81 -15.21 -9.02
C ASP A 787 -27.98 -15.35 -8.04
N ALA A 788 -27.81 -14.89 -6.81
CA ALA A 788 -28.86 -15.02 -5.81
C ALA A 788 -29.93 -13.95 -5.91
N GLY A 789 -29.75 -12.95 -6.77
CA GLY A 789 -30.67 -11.86 -6.89
C GLY A 789 -30.54 -10.82 -5.79
N LEU A 790 -29.46 -10.86 -5.02
CA LEU A 790 -29.38 -10.00 -3.86
C LEU A 790 -29.32 -8.53 -4.25
N ASN A 791 -28.94 -8.24 -5.48
CA ASN A 791 -28.85 -6.86 -5.96
C ASN A 791 -30.15 -6.37 -6.55
N ARG A 792 -31.18 -7.21 -6.56
CA ARG A 792 -32.45 -6.85 -7.18
C ARG A 792 -33.61 -7.31 -6.31
N LEU A 793 -33.60 -6.89 -5.05
CA LEU A 793 -34.67 -7.26 -4.15
C LEU A 793 -35.97 -6.55 -4.49
N HIS A 794 -37.08 -7.20 -4.20
CA HIS A 794 -38.41 -6.62 -4.31
C HIS A 794 -39.18 -6.92 -3.05
N THR A 795 -40.14 -6.07 -2.76
CA THR A 795 -40.90 -6.17 -1.52
C THR A 795 -42.38 -6.26 -1.83
N ARG A 796 -43.04 -7.25 -1.23
CA ARG A 796 -44.48 -7.39 -1.28
C ARG A 796 -45.06 -6.94 0.04
N LEU A 797 -46.18 -6.22 -0.02
CA LEU A 797 -46.88 -5.75 1.16
C LEU A 797 -47.87 -6.83 1.60
N LEU A 798 -47.77 -7.27 2.84
CA LEU A 798 -48.68 -8.27 3.38
C LEU A 798 -49.87 -7.65 4.14
N GLY A 799 -49.66 -6.52 4.80
CA GLY A 799 -50.75 -5.84 5.45
C GLY A 799 -50.30 -4.66 6.27
N ILE A 800 -51.25 -3.80 6.65
CA ILE A 800 -50.98 -2.65 7.50
C ILE A 800 -52.06 -2.63 8.56
N SER A 801 -51.66 -2.52 9.83
CA SER A 801 -52.66 -2.52 10.88
C SER A 801 -52.19 -1.61 12.00
N ALA A 802 -53.15 -0.98 12.67
CA ALA A 802 -52.86 -0.19 13.85
C ALA A 802 -53.21 -1.02 15.08
N ASN A 803 -52.52 -0.74 16.18
CA ASN A 803 -52.64 -1.53 17.41
C ASN A 803 -52.71 -0.59 18.60
N PRO A 804 -53.29 -1.06 19.71
CA PRO A 804 -53.46 -0.18 20.87
C PRO A 804 -52.11 0.17 21.48
N GLY A 805 -51.84 1.47 21.58
CA GLY A 805 -50.64 1.94 22.23
C GLY A 805 -50.94 2.31 23.67
N GLN A 806 -50.76 3.58 24.01
CA GLN A 806 -50.84 4.07 25.38
C GLN A 806 -51.71 5.32 25.41
N ASP A 807 -52.63 5.35 26.37
CA ASP A 807 -53.52 6.51 26.61
C ASP A 807 -54.21 6.91 25.31
N GLY A 808 -54.79 5.93 24.62
CA GLY A 808 -55.48 6.18 23.34
C GLY A 808 -54.52 6.23 22.16
N GLY A 809 -53.24 5.95 22.41
CA GLY A 809 -52.21 5.99 21.35
C GLY A 809 -52.26 4.71 20.56
N GLU A 810 -51.63 4.73 19.39
CA GLU A 810 -51.62 3.53 18.57
C GLU A 810 -50.23 3.32 18.00
N THR A 811 -49.85 2.06 17.85
CA THR A 811 -48.70 1.73 17.04
C THR A 811 -49.20 1.26 15.68
N LEU A 812 -48.31 1.32 14.70
CA LEU A 812 -48.62 0.95 13.32
C LEU A 812 -47.64 -0.13 12.89
N THR A 813 -48.15 -1.30 12.52
CA THR A 813 -47.28 -2.37 12.07
C THR A 813 -47.51 -2.58 10.58
N VAL A 814 -46.43 -2.49 9.82
CA VAL A 814 -46.44 -2.75 8.39
C VAL A 814 -45.70 -4.07 8.15
N ARG A 815 -46.42 -5.04 7.59
CA ARG A 815 -45.86 -6.36 7.35
C ARG A 815 -45.49 -6.49 5.88
N THR A 816 -44.26 -6.93 5.63
CA THR A 816 -43.75 -7.04 4.27
C THR A 816 -42.98 -8.34 4.14
N ARG A 817 -42.69 -8.69 2.88
CA ARG A 817 -41.80 -9.81 2.56
C ARG A 817 -40.86 -9.37 1.46
N VAL A 818 -39.56 -9.62 1.65
CA VAL A 818 -38.52 -9.23 0.72
C VAL A 818 -37.93 -10.49 0.10
N SER A 819 -37.80 -10.48 -1.23
CA SER A 819 -37.26 -11.61 -1.96
C SER A 819 -36.69 -11.04 -3.27
N ALA A 820 -36.44 -11.90 -4.24
CA ALA A 820 -36.01 -11.47 -5.57
C ALA A 820 -36.69 -12.33 -6.61
N ALA A 821 -36.78 -11.79 -7.84
CA ALA A 821 -37.42 -12.54 -8.91
C ALA A 821 -36.77 -13.91 -9.09
N ASP A 822 -37.62 -14.91 -9.24
CA ASP A 822 -37.26 -16.28 -9.55
C ASP A 822 -36.70 -17.05 -8.36
N LYS A 823 -36.75 -16.49 -7.17
CA LYS A 823 -36.29 -17.15 -5.95
C LYS A 823 -37.45 -17.48 -5.02
N GLN A 824 -37.29 -18.58 -4.28
CA GLN A 824 -38.30 -18.98 -3.30
C GLN A 824 -37.98 -18.51 -1.88
N TYR A 825 -36.73 -18.20 -1.58
CA TYR A 825 -36.36 -17.73 -0.25
C TYR A 825 -36.73 -16.26 -0.08
N GLY A 826 -37.09 -15.89 1.14
CA GLY A 826 -37.35 -14.50 1.45
C GLY A 826 -37.11 -14.20 2.93
N VAL A 827 -37.34 -12.94 3.33
CA VAL A 827 -37.37 -12.53 4.73
C VAL A 827 -38.64 -11.74 4.96
N LEU A 828 -39.36 -12.09 6.01
CA LEU A 828 -40.51 -11.33 6.44
C LEU A 828 -39.97 -10.16 7.25
N VAL A 829 -40.35 -8.96 6.86
CA VAL A 829 -39.87 -7.76 7.55
C VAL A 829 -41.09 -7.00 8.05
N ASP A 830 -41.14 -6.82 9.36
CA ASP A 830 -42.21 -6.09 10.02
C ASP A 830 -41.65 -4.78 10.59
N TYR A 831 -42.28 -3.67 10.24
CA TYR A 831 -41.93 -2.38 10.79
C TYR A 831 -43.01 -1.99 11.78
N THR A 832 -42.63 -1.70 13.00
CA THR A 832 -43.58 -1.19 13.98
C THR A 832 -43.21 0.24 14.36
N TRP A 833 -44.16 1.15 14.10
CA TRP A 833 -43.97 2.58 14.27
C TRP A 833 -44.72 3.07 15.50
N SER A 834 -44.11 3.99 16.24
CA SER A 834 -44.72 4.58 17.42
C SER A 834 -44.26 6.03 17.52
N THR A 835 -45.08 6.88 18.13
CA THR A 835 -44.64 8.24 18.32
C THR A 835 -45.38 8.88 19.48
N ASP A 836 -44.68 9.79 20.15
CA ASP A 836 -45.31 10.68 21.10
C ASP A 836 -45.59 12.05 20.48
N GLY A 837 -45.34 12.22 19.19
CA GLY A 837 -45.56 13.49 18.52
C GLY A 837 -44.28 14.24 18.19
N GLU A 838 -43.18 13.98 18.91
CA GLU A 838 -41.89 14.54 18.54
C GLU A 838 -40.86 13.49 18.18
N THR A 839 -40.79 12.40 18.91
CA THR A 839 -39.89 11.30 18.63
C THR A 839 -40.64 10.12 18.05
N VAL A 840 -40.05 9.49 17.03
CA VAL A 840 -40.62 8.32 16.35
C VAL A 840 -39.80 7.10 16.73
N GLY A 841 -40.49 6.04 17.15
CA GLY A 841 -39.85 4.75 17.38
C GLY A 841 -40.12 3.82 16.20
N LEU A 842 -39.06 3.23 15.69
CA LEU A 842 -39.14 2.28 14.56
C LEU A 842 -38.47 0.99 14.98
N ARG A 843 -39.27 -0.07 15.10
CA ARG A 843 -38.77 -1.41 15.38
C ARG A 843 -38.86 -2.24 14.11
N THR A 844 -37.75 -2.85 13.73
CA THR A 844 -37.66 -3.65 12.52
C THR A 844 -37.36 -5.08 12.91
N GLN A 845 -38.17 -6.01 12.41
CA GLN A 845 -38.01 -7.42 12.71
C GLN A 845 -37.90 -8.19 11.41
N VAL A 846 -36.88 -9.02 11.30
CA VAL A 846 -36.53 -9.75 10.08
C VAL A 846 -36.56 -11.24 10.39
N ARG A 847 -37.25 -12.01 9.55
CA ARG A 847 -37.38 -13.43 9.78
C ARG A 847 -37.25 -14.18 8.47
N ARG A 848 -36.32 -15.12 8.43
CA ARG A 848 -36.14 -15.91 7.22
C ARG A 848 -37.37 -16.73 6.95
N ASP A 849 -37.77 -16.76 5.68
CA ASP A 849 -38.88 -17.57 5.23
C ASP A 849 -38.39 -18.41 4.04
N GLY A 850 -38.01 -19.65 4.32
CA GLY A 850 -37.31 -20.47 3.35
C GLY A 850 -35.80 -20.35 3.46
N THR A 851 -35.12 -21.38 3.00
CA THR A 851 -33.66 -21.45 3.16
C THR A 851 -32.96 -20.61 2.10
N TRP A 852 -32.01 -19.77 2.53
CA TRP A 852 -31.29 -18.89 1.61
C TRP A 852 -30.14 -19.68 0.97
N VAL A 853 -30.51 -20.53 0.02
CA VAL A 853 -29.57 -21.35 -0.73
C VAL A 853 -29.85 -21.13 -2.21
N ASN A 854 -28.78 -21.01 -3.00
CA ASN A 854 -28.94 -20.74 -4.41
C ASN A 854 -27.79 -21.43 -5.15
N ARG A 855 -28.11 -22.13 -6.22
CA ARG A 855 -27.09 -22.88 -6.97
C ARG A 855 -26.32 -23.81 -6.04
N GLY A 856 -26.99 -24.31 -5.01
CA GLY A 856 -26.40 -25.30 -4.14
C GLY A 856 -25.53 -24.77 -3.02
N PHE A 857 -25.41 -23.45 -2.89
CA PHE A 857 -24.58 -22.88 -1.87
C PHE A 857 -25.36 -21.85 -1.10
N GLU A 858 -25.10 -21.80 0.20
CA GLU A 858 -25.79 -20.84 1.04
CA GLU A 858 -25.78 -20.83 1.06
C GLU A 858 -25.39 -19.41 0.67
N VAL A 859 -26.38 -18.53 0.63
CA VAL A 859 -26.20 -17.13 0.26
C VAL A 859 -25.76 -16.39 1.52
N GLU A 860 -24.61 -15.73 1.47
CA GLU A 860 -24.26 -14.77 2.49
C GLU A 860 -24.78 -13.37 2.16
N TRP A 861 -25.00 -12.57 3.21
CA TRP A 861 -25.48 -11.21 3.09
C TRP A 861 -24.33 -10.25 3.32
N ALA A 862 -24.41 -9.09 2.68
CA ALA A 862 -23.50 -7.98 2.97
C ALA A 862 -23.89 -7.22 4.22
N ARG A 863 -25.16 -7.20 4.52
CA ARG A 863 -25.65 -6.43 5.67
C ARG A 863 -27.08 -6.82 6.02
N ILE A 864 -27.52 -6.35 7.17
CA ILE A 864 -28.94 -6.31 7.53
C ILE A 864 -29.20 -4.87 7.88
N GLY A 865 -29.90 -4.14 6.99
CA GLY A 865 -30.06 -2.72 7.21
C GLY A 865 -31.27 -2.14 6.52
N LEU A 866 -31.42 -0.82 6.67
CA LEU A 866 -32.47 -0.05 6.01
C LEU A 866 -31.85 0.97 5.06
N GLU A 867 -32.50 1.17 3.91
CA GLU A 867 -32.20 2.28 3.02
C GLU A 867 -33.37 3.24 3.09
N PHE A 868 -33.10 4.49 3.48
CA PHE A 868 -34.05 5.59 3.36
C PHE A 868 -33.63 6.38 2.13
N VAL A 869 -34.52 6.52 1.15
CA VAL A 869 -34.29 7.43 0.04
C VAL A 869 -35.10 8.69 0.32
N LEU A 870 -34.40 9.79 0.56
CA LEU A 870 -35.02 11.07 0.91
C LEU A 870 -35.07 11.99 -0.30
N GLY A 871 -36.18 12.71 -0.44
CA GLY A 871 -36.40 13.53 -1.62
C GLY A 871 -35.72 14.88 -1.56
N GLU A 872 -34.66 15.01 -0.77
CA GLU A 872 -33.92 16.26 -0.70
C GLU A 872 -32.45 15.94 -0.52
N GLU A 873 -31.60 16.91 -0.83
CA GLU A 873 -30.16 16.74 -0.74
C GLU A 873 -29.68 17.01 0.68
N THR A 874 -28.60 16.35 1.06
CA THR A 874 -27.98 16.52 2.36
C THR A 874 -26.72 17.37 2.20
N GLU A 875 -26.57 18.37 3.07
CA GLU A 875 -25.40 19.21 3.04
C GLU A 875 -24.35 18.79 4.04
N LEU A 876 -24.79 18.22 5.18
CA LEU A 876 -23.92 17.97 6.31
C LEU A 876 -24.35 16.68 7.00
N VAL A 877 -23.35 15.89 7.42
CA VAL A 877 -23.59 14.66 8.15
C VAL A 877 -22.76 14.69 9.43
N SER A 878 -23.43 14.54 10.56
CA SER A 878 -22.77 14.52 11.85
C SER A 878 -23.15 13.23 12.56
N TRP A 879 -22.26 12.78 13.45
CA TRP A 879 -22.54 11.57 14.19
C TRP A 879 -21.67 11.47 15.42
N PHE A 880 -22.17 10.73 16.41
CA PHE A 880 -21.35 10.21 17.49
C PHE A 880 -21.09 8.73 17.22
N GLY A 881 -19.82 8.34 17.29
CA GLY A 881 -19.45 6.97 16.98
C GLY A 881 -17.96 6.92 16.73
N GLN A 882 -17.55 6.35 15.60
CA GLN A 882 -16.15 6.14 15.26
C GLN A 882 -15.82 6.95 14.03
N GLY A 883 -14.64 7.56 14.01
CA GLY A 883 -14.34 8.42 12.90
C GLY A 883 -12.94 9.01 12.96
N PRO A 884 -12.69 9.97 12.06
CA PRO A 884 -13.67 10.46 11.07
C PRO A 884 -13.91 9.57 9.86
N HIS A 885 -12.96 8.69 9.52
CA HIS A 885 -13.02 7.94 8.27
C HIS A 885 -13.88 6.67 8.44
N GLN A 886 -14.02 5.90 7.35
CA GLN A 886 -14.93 4.76 7.32
C GLN A 886 -14.46 3.64 8.24
N SER A 887 -15.39 2.77 8.60
CA SER A 887 -15.05 1.57 9.37
C SER A 887 -16.04 0.46 9.10
N TYR A 888 -15.50 -0.74 8.87
CA TYR A 888 -16.25 -1.96 8.64
C TYR A 888 -15.83 -2.93 9.73
N PRO A 889 -16.48 -4.08 9.85
CA PRO A 889 -16.25 -4.91 11.05
C PRO A 889 -14.81 -5.32 11.23
N ASP A 890 -14.09 -5.56 10.14
CA ASP A 890 -12.71 -6.02 10.19
C ASP A 890 -11.70 -4.94 9.79
N THR A 891 -12.13 -3.68 9.83
CA THR A 891 -11.26 -2.55 9.56
C THR A 891 -11.62 -1.48 10.58
N GLY A 892 -11.28 -0.23 10.27
CA GLY A 892 -11.62 0.86 11.15
C GLY A 892 -10.78 1.00 12.41
N GLN A 893 -9.63 0.34 12.49
CA GLN A 893 -8.82 0.45 13.71
C GLN A 893 -8.43 1.90 13.96
N GLY A 894 -8.20 2.67 12.90
CA GLY A 894 -7.85 4.06 13.04
C GLY A 894 -8.99 5.00 13.31
N ALA A 895 -10.23 4.53 13.25
CA ALA A 895 -11.38 5.35 13.57
C ALA A 895 -11.55 5.35 15.08
N ARG A 896 -11.47 6.51 15.69
CA ARG A 896 -11.54 6.61 17.12
C ARG A 896 -12.93 7.08 17.54
N ALA A 897 -13.24 6.87 18.81
CA ALA A 897 -14.53 7.34 19.32
C ALA A 897 -14.54 8.86 19.41
N GLY A 898 -15.66 9.46 19.02
CA GLY A 898 -15.78 10.89 19.14
C GLY A 898 -17.04 11.39 18.44
N TRP A 899 -17.12 12.72 18.34
CA TRP A 899 -18.17 13.41 17.61
C TRP A 899 -17.57 13.94 16.32
N PHE A 900 -18.24 13.70 15.20
CA PHE A 900 -17.72 14.05 13.89
C PHE A 900 -18.80 14.77 13.11
N SER A 901 -18.37 15.60 12.17
CA SER A 901 -19.30 16.32 11.31
C SER A 901 -18.57 16.63 10.00
N LEU A 902 -19.16 16.21 8.88
CA LEU A 902 -18.55 16.35 7.58
C LEU A 902 -19.57 16.78 6.53
N PRO A 903 -19.16 17.62 5.58
CA PRO A 903 -20.01 17.83 4.41
C PRO A 903 -20.18 16.52 3.66
N LEU A 904 -21.30 16.41 2.96
CA LEU A 904 -21.66 15.12 2.36
C LEU A 904 -20.53 14.58 1.50
N ALA A 905 -19.88 15.45 0.72
CA ALA A 905 -18.88 14.97 -0.22
C ALA A 905 -17.74 14.29 0.49
N LYS A 906 -17.41 14.74 1.69
CA LYS A 906 -16.27 14.19 2.40
C LYS A 906 -16.61 12.90 3.13
N MET A 907 -17.87 12.46 3.10
CA MET A 907 -18.18 11.11 3.57
C MET A 907 -17.69 10.05 2.60
N ASP A 908 -17.49 10.39 1.34
CA ASP A 908 -17.18 9.41 0.32
C ASP A 908 -15.69 9.07 0.33
N VAL A 909 -15.30 8.05 -0.42
CA VAL A 909 -13.91 7.63 -0.54
C VAL A 909 -13.59 7.50 -2.02
N GLU A 910 -12.55 8.21 -2.47
CA GLU A 910 -12.33 8.32 -3.91
C GLU A 910 -11.56 7.15 -4.49
N TYR A 911 -11.99 5.92 -4.22
CA TYR A 911 -11.41 4.77 -4.92
C TYR A 911 -11.57 4.93 -6.42
N VAL A 912 -10.60 4.43 -7.17
CA VAL A 912 -10.55 4.70 -8.61
C VAL A 912 -11.70 4.01 -9.32
N ARG A 913 -11.94 2.74 -8.99
CA ARG A 913 -13.17 2.08 -9.39
C ARG A 913 -14.15 2.24 -8.24
N PRO A 914 -15.22 3.03 -8.40
CA PRO A 914 -16.16 3.22 -7.28
C PRO A 914 -16.71 1.88 -6.80
N GLN A 915 -16.97 1.82 -5.51
CA GLN A 915 -17.37 0.57 -4.88
C GLN A 915 -17.90 0.93 -3.50
N GLU A 916 -18.49 -0.05 -2.84
CA GLU A 916 -18.96 0.19 -1.49
C GLU A 916 -17.85 0.76 -0.62
N CYS A 917 -18.17 1.82 0.12
CA CYS A 917 -17.22 2.52 0.97
C CYS A 917 -18.00 3.58 1.75
N GLY A 918 -17.36 4.17 2.76
CA GLY A 918 -17.96 5.28 3.47
C GLY A 918 -18.86 4.93 4.64
N ALA A 919 -19.05 3.66 4.95
CA ALA A 919 -19.82 3.31 6.13
C ALA A 919 -19.06 3.68 7.39
N ARG A 920 -19.79 4.15 8.36
CA ARG A 920 -19.27 4.48 9.68
C ARG A 920 -19.88 3.52 10.68
N SER A 921 -19.16 2.46 10.99
CA SER A 921 -19.66 1.48 11.93
C SER A 921 -19.56 2.02 13.35
N GLY A 922 -20.35 1.42 14.25
CA GLY A 922 -20.31 1.83 15.65
C GLY A 922 -20.98 3.16 15.94
N SER A 923 -21.91 3.62 15.11
CA SER A 923 -22.57 4.90 15.36
C SER A 923 -23.67 4.73 16.41
N ARG A 924 -23.78 5.71 17.30
CA ARG A 924 -24.87 5.72 18.27
C ARG A 924 -25.95 6.75 17.93
N SER A 925 -25.56 7.82 17.26
CA SER A 925 -26.48 8.86 16.83
C SER A 925 -25.94 9.51 15.57
N ALA A 926 -26.85 10.03 14.75
CA ALA A 926 -26.50 10.67 13.49
C ALA A 926 -27.47 11.81 13.24
N ALA A 927 -27.00 12.83 12.52
CA ALA A 927 -27.83 13.98 12.18
C ALA A 927 -27.51 14.37 10.75
N LEU A 928 -28.54 14.35 9.90
CA LEU A 928 -28.42 14.80 8.53
C LEU A 928 -29.09 16.15 8.40
N GLN A 929 -28.39 17.10 7.81
CA GLN A 929 -28.91 18.43 7.56
C GLN A 929 -29.35 18.49 6.11
N LEU A 930 -30.67 18.47 5.89
CA LEU A 930 -31.27 18.55 4.57
C LEU A 930 -31.92 19.92 4.47
N GLY A 931 -31.13 20.92 4.07
CA GLY A 931 -31.60 22.28 3.98
C GLY A 931 -31.95 22.86 5.32
N GLY A 932 -33.24 23.10 5.53
CA GLY A 932 -33.70 23.76 6.73
C GLY A 932 -33.95 22.79 7.88
N ARG A 933 -34.06 21.51 7.59
CA ARG A 933 -34.36 20.52 8.61
C ARG A 933 -33.13 19.70 8.97
N THR A 934 -33.16 19.12 10.16
CA THR A 934 -32.15 18.17 10.59
C THR A 934 -32.86 16.87 11.00
N LEU A 935 -32.48 15.78 10.37
CA LEU A 935 -33.00 14.46 10.68
C LEU A 935 -32.02 13.74 11.59
N GLU A 936 -32.50 13.34 12.78
CA GLU A 936 -31.66 12.67 13.76
C GLU A 936 -32.11 11.22 13.92
N ILE A 937 -31.13 10.31 14.01
CA ILE A 937 -31.33 8.88 14.21
C ILE A 937 -30.52 8.44 15.42
N CYS A 938 -31.15 7.68 16.31
CA CYS A 938 -30.47 7.07 17.45
C CYS A 938 -30.81 5.60 17.54
N GLY A 939 -29.89 4.84 18.12
CA GLY A 939 -30.11 3.43 18.31
C GLY A 939 -28.91 2.81 18.99
N ASP A 940 -29.08 1.55 19.34
CA ASP A 940 -27.93 0.75 19.63
C ASP A 940 -27.06 0.77 18.39
N PRO A 941 -25.78 0.40 18.52
CA PRO A 941 -24.83 0.63 17.43
C PRO A 941 -25.38 0.29 16.05
N PHE A 942 -25.16 1.19 15.10
CA PHE A 942 -25.52 0.97 13.72
C PHE A 942 -24.42 1.57 12.84
N ALA A 943 -24.29 1.06 11.63
CA ALA A 943 -23.41 1.69 10.67
C ALA A 943 -24.20 2.72 9.88
N LEU A 944 -23.55 3.84 9.59
CA LEU A 944 -24.15 4.99 8.92
C LEU A 944 -23.44 5.22 7.60
N THR A 945 -24.21 5.33 6.51
CA THR A 945 -23.70 5.76 5.24
C THR A 945 -24.68 6.75 4.64
N VAL A 946 -24.17 7.77 3.97
CA VAL A 946 -24.99 8.77 3.32
C VAL A 946 -24.35 9.11 1.99
N ARG A 947 -25.15 9.04 0.91
CA ARG A 947 -24.67 9.24 -0.45
C ARG A 947 -25.68 10.06 -1.25
N PRO A 948 -25.20 10.82 -2.23
CA PRO A 948 -26.12 11.49 -3.16
C PRO A 948 -26.48 10.71 -4.41
N TYR A 949 -26.16 9.41 -4.46
CA TYR A 949 -26.54 8.56 -5.59
C TYR A 949 -26.83 7.18 -5.02
N SER A 950 -27.52 6.36 -5.83
CA SER A 950 -27.98 5.05 -5.45
C SER A 950 -26.86 4.01 -5.48
N GLN A 951 -27.15 2.83 -4.92
CA GLN A 951 -26.20 1.72 -4.97
C GLN A 951 -26.01 1.20 -6.38
N ASP A 952 -27.05 1.28 -7.23
CA ASP A 952 -26.92 0.77 -8.58
C ASP A 952 -26.02 1.69 -9.41
N VAL A 953 -26.10 2.99 -9.16
CA VAL A 953 -25.17 3.92 -9.80
C VAL A 953 -23.74 3.64 -9.33
N LEU A 954 -23.57 3.37 -8.03
CA LEU A 954 -22.25 3.07 -7.48
C LEU A 954 -21.68 1.80 -8.10
N ASP A 955 -22.51 0.76 -8.18
CA ASP A 955 -22.04 -0.51 -8.73
C ASP A 955 -21.74 -0.40 -10.22
N ALA A 956 -22.55 0.33 -10.96
CA ALA A 956 -22.34 0.44 -12.40
C ALA A 956 -21.12 1.28 -12.77
N ALA A 957 -20.71 2.19 -11.90
CA ALA A 957 -19.63 3.12 -12.23
C ALA A 957 -18.29 2.39 -12.28
N ALA A 958 -17.56 2.55 -13.38
CA ALA A 958 -16.21 2.02 -13.51
C ALA A 958 -15.14 3.05 -13.14
N HIS A 959 -15.45 4.33 -13.29
CA HIS A 959 -14.59 5.42 -12.88
C HIS A 959 -15.41 6.46 -12.16
N ARG A 960 -14.72 7.34 -11.46
CA ARG A 960 -15.40 8.32 -10.58
C ARG A 960 -16.32 9.23 -11.38
N PRO A 961 -15.95 9.71 -12.58
CA PRO A 961 -16.88 10.56 -13.34
C PRO A 961 -18.19 9.91 -13.67
N ASP A 962 -18.30 8.58 -13.55
CA ASP A 962 -19.56 7.90 -13.77
C ASP A 962 -20.56 8.14 -12.65
N LEU A 963 -20.13 8.68 -11.52
CA LEU A 963 -21.03 8.95 -10.41
C LEU A 963 -21.71 10.29 -10.63
N LYS A 964 -23.01 10.33 -10.39
CA LYS A 964 -23.82 11.52 -10.60
C LYS A 964 -24.82 11.65 -9.46
N ALA A 965 -24.96 12.85 -8.91
CA ALA A 965 -25.99 13.09 -7.90
C ALA A 965 -27.34 13.25 -8.59
N ASP A 966 -28.39 12.76 -7.94
CA ASP A 966 -29.73 12.82 -8.54
C ASP A 966 -30.70 13.69 -7.76
N GLY A 967 -30.21 14.50 -6.81
CA GLY A 967 -31.07 15.34 -6.02
C GLY A 967 -31.63 14.69 -4.77
N ARG A 968 -31.36 13.42 -4.55
CA ARG A 968 -31.88 12.72 -3.39
C ARG A 968 -30.77 12.51 -2.36
N THR A 969 -31.17 11.94 -1.22
CA THR A 969 -30.23 11.43 -0.22
C THR A 969 -30.49 9.94 -0.04
N TYR A 970 -29.44 9.14 -0.16
CA TYR A 970 -29.51 7.72 0.14
C TYR A 970 -28.88 7.51 1.52
N LEU A 971 -29.72 7.14 2.50
CA LEU A 971 -29.31 6.99 3.89
C LEU A 971 -29.38 5.52 4.26
N TYR A 972 -28.25 4.96 4.69
CA TYR A 972 -28.13 3.56 5.07
C TYR A 972 -27.91 3.49 6.56
N VAL A 973 -28.80 2.75 7.25
CA VAL A 973 -28.66 2.45 8.66
C VAL A 973 -28.60 0.94 8.79
N ASP A 974 -27.44 0.40 9.16
CA ASP A 974 -27.23 -1.03 9.20
C ASP A 974 -27.11 -1.54 10.63
N HIS A 975 -27.91 -2.54 10.94
CA HIS A 975 -27.79 -3.24 12.20
C HIS A 975 -26.65 -4.25 12.16
N ALA A 976 -26.31 -4.74 10.97
CA ALA A 976 -25.20 -5.68 10.81
C ALA A 976 -24.55 -5.45 9.46
N LEU A 977 -23.22 -5.63 9.42
CA LEU A 977 -22.41 -5.56 8.20
C LEU A 977 -21.50 -6.76 8.18
N ARG A 978 -21.16 -7.22 6.99
CA ARG A 978 -20.05 -8.14 6.91
C ARG A 978 -18.71 -7.38 6.82
N GLY A 979 -17.63 -8.13 7.00
CA GLY A 979 -16.28 -7.60 6.86
C GLY A 979 -15.93 -7.43 5.39
N VAL A 980 -14.79 -6.79 5.13
CA VAL A 980 -14.37 -6.60 3.75
C VAL A 980 -13.21 -7.51 3.34
N GLY A 981 -12.44 -8.06 4.31
CA GLY A 981 -11.42 -9.08 4.02
C GLY A 981 -10.33 -8.56 3.09
N THR A 982 -9.66 -9.51 2.39
CA THR A 982 -8.65 -9.19 1.36
C THR A 982 -8.74 -10.17 0.20
N ALA A 983 -9.96 -10.57 -0.18
CA ALA A 983 -10.12 -11.66 -1.14
C ALA A 983 -9.60 -11.31 -2.52
N ALA A 984 -9.37 -10.04 -2.84
CA ALA A 984 -8.78 -9.76 -4.15
C ALA A 984 -7.45 -10.48 -4.31
N CYS A 985 -6.72 -10.69 -3.21
CA CYS A 985 -5.48 -11.48 -3.29
C CYS A 985 -5.12 -11.85 -1.86
N GLY A 986 -5.40 -13.10 -1.50
CA GLY A 986 -5.18 -13.54 -0.14
C GLY A 986 -6.48 -13.88 0.58
N PRO A 987 -6.44 -13.88 1.91
CA PRO A 987 -7.62 -14.31 2.66
C PRO A 987 -8.84 -13.45 2.41
N GLY A 988 -10.00 -14.13 2.30
CA GLY A 988 -11.28 -13.45 2.35
C GLY A 988 -11.62 -13.04 3.78
N VAL A 989 -12.90 -12.70 3.99
CA VAL A 989 -13.38 -12.30 5.31
C VAL A 989 -13.22 -13.44 6.29
N LEU A 990 -12.62 -13.15 7.43
CA LEU A 990 -12.47 -14.16 8.47
C LEU A 990 -13.85 -14.53 9.00
N GLU A 991 -13.94 -15.74 9.56
CA GLU A 991 -15.21 -16.32 9.94
C GLU A 991 -16.02 -15.41 10.85
N GLN A 992 -15.35 -14.80 11.82
CA GLN A 992 -16.04 -13.97 12.80
CA GLN A 992 -15.97 -13.91 12.81
C GLN A 992 -16.70 -12.74 12.18
N TYR A 993 -16.33 -12.38 10.96
CA TYR A 993 -16.89 -11.19 10.33
C TYR A 993 -17.79 -11.52 9.14
N ARG A 994 -18.03 -12.79 8.89
CA ARG A 994 -18.96 -13.20 7.81
C ARG A 994 -20.38 -12.94 8.30
N LEU A 995 -21.32 -12.76 7.38
CA LEU A 995 -22.71 -12.47 7.74
C LEU A 995 -23.58 -13.47 7.00
N LYS A 996 -23.89 -14.53 7.67
CA LYS A 996 -24.79 -15.56 7.17
C LYS A 996 -26.24 -15.18 7.48
N PRO A 997 -27.19 -15.59 6.64
CA PRO A 997 -28.60 -15.28 6.89
C PRO A 997 -29.04 -15.68 8.29
N ARG A 998 -29.78 -14.78 8.94
CA ARG A 998 -30.26 -15.01 10.28
C ARG A 998 -31.50 -14.15 10.51
N ASP A 999 -32.23 -14.48 11.56
CA ASP A 999 -33.33 -13.63 12.01
C ASP A 999 -32.77 -12.53 12.90
N ALA A 1000 -33.40 -11.36 12.88
CA ALA A 1000 -32.82 -10.21 13.57
C ALA A 1000 -33.92 -9.22 13.89
N ASP A 1001 -33.66 -8.37 14.89
CA ASP A 1001 -34.62 -7.34 15.22
C ASP A 1001 -33.82 -6.17 15.74
N PHE A 1002 -34.28 -4.95 15.44
CA PHE A 1002 -33.53 -3.81 15.95
C PHE A 1002 -34.43 -2.58 15.98
N ILE A 1003 -34.09 -1.71 16.93
CA ILE A 1003 -34.86 -0.53 17.25
C ILE A 1003 -34.04 0.71 16.91
N LEU A 1004 -34.71 1.69 16.33
CA LEU A 1004 -34.16 3.02 16.09
C LEU A 1004 -35.17 4.05 16.57
N THR A 1005 -34.68 5.23 16.92
CA THR A 1005 -35.54 6.38 17.12
C THR A 1005 -35.16 7.47 16.13
N LEU A 1006 -36.14 8.24 15.69
CA LEU A 1006 -35.97 9.28 14.70
C LEU A 1006 -36.64 10.55 15.19
N LYS A 1007 -36.11 11.70 14.80
CA LYS A 1007 -36.83 12.95 15.07
C LYS A 1007 -36.25 14.04 14.19
N VAL A 1008 -37.11 15.00 13.84
CA VAL A 1008 -36.72 16.08 12.92
C VAL A 1008 -36.78 17.40 13.66
N ARG A 1009 -35.72 18.19 13.49
CA ARG A 1009 -35.57 19.51 14.09
C ARG A 1009 -35.55 20.56 13.01
N SER A 1010 -36.22 21.68 13.27
CA SER A 1010 -36.05 22.89 12.46
C SER A 1010 -35.34 23.96 13.29
C1 GLC B . 5.94 -20.39 -7.34
C2 GLC B . 6.41 -18.92 -7.28
C3 GLC B . 6.03 -18.31 -5.93
C4 GLC B . 4.52 -18.43 -5.74
C5 GLC B . 4.12 -19.91 -5.87
C6 GLC B . 2.60 -20.11 -5.78
O2 GLC B . 7.81 -18.82 -7.46
O3 GLC B . 6.37 -16.92 -5.90
O4 GLC B . 4.13 -17.94 -4.47
O5 GLC B . 4.53 -20.42 -7.13
O6 GLC B . 1.95 -19.32 -6.77
C1 FRU B . 7.71 -22.75 -7.80
C2 FRU B . 6.77 -22.53 -6.61
C3 FRU B . 7.33 -23.28 -5.39
C4 FRU B . 6.06 -23.55 -4.58
C5 FRU B . 5.11 -23.92 -5.68
C6 FRU B . 3.64 -23.69 -5.32
O1 FRU B . 7.66 -24.13 -8.09
O2 FRU B . 6.61 -21.14 -6.36
O3 FRU B . 8.29 -22.65 -4.61
O4 FRU B . 6.25 -24.60 -3.66
O5 FRU B . 5.52 -23.16 -6.81
O6 FRU B . 2.85 -23.80 -6.50
C1 GLC C . 3.27 17.80 9.26
C2 GLC C . 2.97 17.13 10.60
C3 GLC C . 2.17 15.84 10.47
C4 GLC C . 1.01 16.18 9.60
C5 GLC C . 1.50 16.49 8.23
C6 GLC C . 0.28 16.64 7.32
O2 GLC C . 4.18 16.96 11.28
O3 GLC C . 1.62 15.36 11.68
O4 GLC C . 0.09 15.09 9.46
O5 GLC C . 2.24 17.69 8.28
O6 GLC C . -0.74 15.72 7.70
C1 FRU C . 4.17 19.18 7.12
C2 FRU C . 4.91 17.91 7.50
C3 FRU C . 6.40 18.13 7.68
C4 FRU C . 6.97 16.84 7.18
C5 FRU C . 6.14 16.88 5.90
C6 FRU C . 6.20 15.78 4.89
O1 FRU C . 2.98 18.87 6.38
O2 FRU C . 4.45 17.30 8.69
O3 FRU C . 6.82 18.38 9.01
O4 FRU C . 8.41 16.91 7.21
O5 FRU C . 4.83 16.99 6.41
O6 FRU C . 5.80 16.35 3.63
C1 GLC D . 1.05 -34.37 7.75
C2 GLC D . 1.85 -33.50 8.71
C3 GLC D . 3.19 -33.25 7.98
C4 GLC D . 3.85 -34.60 7.63
C5 GLC D . 2.92 -35.82 7.37
C6 GLC D . 3.42 -37.17 7.91
O2 GLC D . 1.13 -32.31 9.09
O3 GLC D . 4.13 -32.47 8.71
O4 GLC D . 4.53 -34.44 6.41
O5 GLC D . 1.60 -35.66 7.86
O6 GLC D . 4.81 -37.39 7.68
C1 FRU D . -1.13 -32.83 6.31
C2 FRU D . -0.12 -33.80 5.67
C3 FRU D . -0.08 -33.33 4.21
C4 FRU D . 0.37 -34.53 3.41
C5 FRU D . -0.15 -35.71 4.23
C6 FRU D . 0.89 -36.83 4.36
O1 FRU D . -0.84 -31.50 5.89
O2 FRU D . 1.11 -33.85 6.40
O3 FRU D . 0.72 -32.17 3.97
O4 FRU D . -0.17 -34.53 2.11
O5 FRU D . -0.53 -35.17 5.52
O6 FRU D . 1.49 -37.15 3.13
C ACT E . 31.24 -6.83 -13.78
O ACT E . 30.48 -5.87 -14.02
OXT ACT E . 31.92 -7.06 -12.74
CH3 ACT E . 31.38 -7.93 -14.95
C ACT F . 3.51 16.68 -11.80
O ACT F . 2.82 16.56 -10.80
OXT ACT F . 3.19 16.25 -12.89
CH3 ACT F . 4.86 17.38 -11.68
C ACT G . 40.49 13.21 -15.76
O ACT G . 39.56 13.40 -16.58
OXT ACT G . 40.78 13.91 -14.74
CH3 ACT G . 41.41 11.93 -15.99
C ACT H . -30.39 -19.94 5.83
O ACT H . -31.38 -19.73 5.10
OXT ACT H . -30.32 -19.56 7.02
CH3 ACT H . -29.21 -20.69 5.24
C ACT I . 44.63 12.43 1.55
O ACT I . 43.52 13.04 1.52
OXT ACT I . 45.49 12.41 2.46
CH3 ACT I . 44.97 11.57 0.24
NA NA J . -1.38 -5.14 -8.45
NA NA K . 7.74 -11.22 16.41
NA NA L . 8.47 14.14 30.91
C1 MLI M . -22.03 -7.69 12.32
C2 MLI M . -21.60 -6.35 12.93
C3 MLI M . -23.02 -8.41 13.23
O6 MLI M . -21.90 -5.27 12.34
O7 MLI M . -20.92 -6.34 13.99
O8 MLI M . -23.51 -9.52 12.86
O9 MLI M . -23.35 -7.92 14.34
#